data_4XJO
#
_entry.id   4XJO
#
_cell.length_a   63.228
_cell.length_b   66.025
_cell.length_c   203.256
_cell.angle_alpha   90.000
_cell.angle_beta   90.000
_cell.angle_gamma   90.000
#
_symmetry.space_group_name_H-M   'P 21 21 21'
#
loop_
_entity.id
_entity.type
_entity.pdbx_description
1 polymer 'Adenosylmethionine-8-amino-7-oxononanoate aminotransferase'
2 non-polymer "PYRIDOXAL-5'-PHOSPHATE"
3 non-polymer 5-[4-(3-chlorobenzoyl)piperazin-1-yl]-1H-inden-1-one
4 non-polymer 1,2-ETHANEDIOL
5 non-polymer 'SULFATE ION'
6 non-polymer 'CHLORIDE ION'
7 water water
#
_entity_poly.entity_id   1
_entity_poly.type   'polypeptide(L)'
_entity_poly.pdbx_seq_one_letter_code
;MGSSHHHHHHSSGLVPRGSHMAAATGGLTPEQIIAVDGAHLWHPYSSIGREAVSPVVAVAAHGAWLTLIRDGQPIEVLDA
MSSWWTAIHGHGHPALDQALTTQLRVMNHVMFGGLTHEPAARLAKLLVDITPAGLDTVFFSDSGSVSVEVAAKMALQYWR
GRGLPGKRRLMTWRGGYHGDTFLAMSICDPHGGMHSLWTDVLAAQVFAPQVPRDYDPAYSAAFEAQLAQHAGELAAVVVE
PVVQGAGGMRFHDPRYLHDLRDICRRYEVLLIFDEIATGFGRTGALFAADHAGVSPDIMCVGKALTGGYLSLAATLCTAD
VAHTISAGAAGALMHGPTFMANPLACAVSVASVELLLGQDWRTRITELAAGLTAGLDTARALPAVTDVRVCGAIGVIECD
RPVDLAVATPAALDRGVWLRPFRNLVYAMPPYICTPAEITQITSAMVEVARLVGSLP
;
_entity_poly.pdbx_strand_id   A,B
#
loop_
_chem_comp.id
_chem_comp.type
_chem_comp.name
_chem_comp.formula
41O non-polymer 5-[4-(3-chlorobenzoyl)piperazin-1-yl]-1H-inden-1-one 'C20 H17 Cl N2 O2'
CL non-polymer 'CHLORIDE ION' 'Cl -1'
EDO non-polymer 1,2-ETHANEDIOL 'C2 H6 O2'
PLP non-polymer PYRIDOXAL-5'-PHOSPHATE 'C8 H10 N O6 P'
SO4 non-polymer 'SULFATE ION' 'O4 S -2'
#
# COMPACT_ATOMS: atom_id res chain seq x y z
N LEU A 28 -3.92 -26.50 8.07
CA LEU A 28 -3.85 -27.08 6.69
C LEU A 28 -2.53 -27.81 6.47
N THR A 29 -2.60 -28.92 5.75
CA THR A 29 -1.39 -29.64 5.34
C THR A 29 -0.77 -28.92 4.14
N PRO A 30 0.54 -29.16 3.88
CA PRO A 30 1.16 -28.56 2.69
C PRO A 30 0.41 -28.88 1.39
N GLU A 31 -0.12 -30.10 1.28
CA GLU A 31 -0.89 -30.51 0.12
C GLU A 31 -2.20 -29.71 0.00
N GLN A 32 -2.84 -29.48 1.14
CA GLN A 32 -4.07 -28.69 1.19
C GLN A 32 -3.80 -27.22 0.84
N ILE A 33 -2.68 -26.69 1.32
CA ILE A 33 -2.25 -25.32 1.01
C ILE A 33 -2.05 -25.16 -0.50
N ILE A 34 -1.36 -26.11 -1.11
CA ILE A 34 -1.14 -26.12 -2.56
C ILE A 34 -2.44 -26.13 -3.35
N ALA A 35 -3.40 -26.95 -2.92
CA ALA A 35 -4.70 -27.05 -3.60
C ALA A 35 -5.48 -25.75 -3.52
N VAL A 36 -5.51 -25.14 -2.34
CA VAL A 36 -6.17 -23.86 -2.14
C VAL A 36 -5.47 -22.78 -2.97
N ASP A 37 -4.15 -22.80 -2.94
CA ASP A 37 -3.33 -21.82 -3.65
C ASP A 37 -3.57 -21.85 -5.16
N GLY A 38 -3.52 -23.05 -5.75
CA GLY A 38 -3.69 -23.21 -7.19
C GLY A 38 -5.04 -22.73 -7.68
N ALA A 39 -6.07 -22.91 -6.84
CA ALA A 39 -7.43 -22.53 -7.20
C ALA A 39 -7.72 -21.05 -6.98
N HIS A 40 -7.12 -20.44 -5.96
CA HIS A 40 -7.62 -19.16 -5.44
C HIS A 40 -6.65 -18.04 -5.30
N LEU A 41 -5.34 -18.31 -5.36
CA LEU A 41 -4.36 -17.27 -5.04
C LEU A 41 -3.54 -16.77 -6.23
N TRP A 42 -3.61 -15.46 -6.48
CA TRP A 42 -2.67 -14.78 -7.37
C TRP A 42 -1.35 -14.63 -6.67
N HIS A 43 -0.28 -14.69 -7.45
CA HIS A 43 1.07 -14.40 -6.97
C HIS A 43 1.64 -13.23 -7.74
N PRO A 44 2.82 -12.70 -7.34
CA PRO A 44 3.35 -11.55 -8.09
C PRO A 44 3.54 -11.87 -9.56
N TYR A 45 2.96 -11.04 -10.44
CA TYR A 45 3.14 -11.19 -11.88
C TYR A 45 2.86 -12.62 -12.36
N SER A 46 1.78 -13.20 -11.84
CA SER A 46 1.44 -14.60 -12.11
C SER A 46 0.13 -14.75 -12.85
N SER A 47 -0.16 -15.99 -13.23
CA SER A 47 -1.44 -16.35 -13.79
C SER A 47 -2.26 -17.05 -12.73
N ILE A 48 -3.51 -17.37 -13.08
CA ILE A 48 -4.29 -18.38 -12.36
C ILE A 48 -4.46 -19.55 -13.30
N GLY A 49 -4.02 -20.72 -12.87
CA GLY A 49 -4.19 -21.96 -13.63
C GLY A 49 -3.20 -22.23 -14.75
N ARG A 50 -2.23 -21.34 -14.94
CA ARG A 50 -1.25 -21.49 -16.02
C ARG A 50 0.20 -21.38 -15.53
N GLU A 51 0.42 -21.68 -14.25
CA GLU A 51 1.76 -21.64 -13.67
C GLU A 51 2.57 -22.86 -14.10
N ALA A 52 3.81 -22.61 -14.52
CA ALA A 52 4.72 -23.68 -14.97
C ALA A 52 5.15 -24.56 -13.80
N VAL A 53 5.29 -23.95 -12.63
CA VAL A 53 5.65 -24.66 -11.40
C VAL A 53 4.74 -24.19 -10.26
N SER A 54 4.31 -25.12 -9.42
CA SER A 54 3.61 -24.77 -8.19
C SER A 54 4.54 -23.98 -7.27
N PRO A 55 3.99 -23.06 -6.47
CA PRO A 55 4.86 -22.43 -5.47
C PRO A 55 5.26 -23.44 -4.40
N VAL A 56 6.35 -23.18 -3.71
CA VAL A 56 6.83 -24.05 -2.63
C VAL A 56 6.22 -23.57 -1.31
N VAL A 57 5.72 -24.49 -0.49
CA VAL A 57 5.12 -24.13 0.79
C VAL A 57 6.19 -23.76 1.80
N ALA A 58 6.11 -22.54 2.32
CA ALA A 58 6.96 -22.09 3.42
C ALA A 58 6.19 -22.29 4.71
N VAL A 59 6.84 -22.89 5.70
CA VAL A 59 6.17 -23.18 6.98
C VAL A 59 6.80 -22.49 8.19
N ALA A 60 8.02 -21.96 8.02
CA ALA A 60 8.69 -21.22 9.09
C ALA A 60 9.79 -20.34 8.51
N ALA A 61 10.17 -19.32 9.28
CA ALA A 61 11.34 -18.50 8.96
C ALA A 61 12.00 -18.02 10.23
N HIS A 62 13.30 -18.26 10.35
CA HIS A 62 14.08 -17.92 11.53
C HIS A 62 15.47 -17.56 11.13
N GLY A 63 15.91 -16.37 11.51
CA GLY A 63 17.22 -15.86 11.11
C GLY A 63 17.34 -15.78 9.60
N ALA A 64 18.43 -16.30 9.05
CA ALA A 64 18.64 -16.26 7.61
C ALA A 64 17.98 -17.43 6.88
N TRP A 65 17.21 -18.24 7.61
CA TRP A 65 16.73 -19.53 7.11
C TRP A 65 15.24 -19.63 6.99
N LEU A 66 14.81 -20.24 5.88
CA LEU A 66 13.41 -20.58 5.66
C LEU A 66 13.24 -22.08 5.79
N THR A 67 12.10 -22.49 6.34
CA THR A 67 11.72 -23.90 6.32
C THR A 67 10.68 -24.10 5.23
N LEU A 68 11.05 -24.87 4.22
CA LEU A 68 10.21 -25.10 3.05
C LEU A 68 9.87 -26.58 2.96
N ILE A 69 8.72 -26.88 2.35
CA ILE A 69 8.32 -28.27 2.15
C ILE A 69 8.75 -28.73 0.77
N ARG A 70 9.57 -29.79 0.74
CA ARG A 70 10.03 -30.37 -0.51
C ARG A 70 9.85 -31.88 -0.45
N ASP A 71 9.07 -32.41 -1.40
CA ASP A 71 8.71 -33.83 -1.45
C ASP A 71 8.15 -34.32 -0.11
N GLY A 72 7.28 -33.50 0.48
CA GLY A 72 6.61 -33.83 1.74
C GLY A 72 7.44 -33.67 3.00
N GLN A 73 8.67 -33.21 2.85
CA GLN A 73 9.60 -33.08 3.99
C GLN A 73 10.06 -31.64 4.17
N PRO A 74 10.13 -31.17 5.43
CA PRO A 74 10.68 -29.85 5.72
C PRO A 74 12.19 -29.79 5.47
N ILE A 75 12.64 -28.74 4.78
CA ILE A 75 14.05 -28.48 4.55
C ILE A 75 14.42 -27.05 4.92
N GLU A 76 15.59 -26.87 5.50
CA GLU A 76 16.12 -25.56 5.87
C GLU A 76 16.94 -25.00 4.72
N VAL A 77 16.57 -23.82 4.21
CA VAL A 77 17.34 -23.18 3.15
C VAL A 77 17.62 -21.71 3.46
N LEU A 78 18.74 -21.20 2.97
CA LEU A 78 19.10 -19.80 3.17
C LEU A 78 18.22 -18.86 2.33
N ASP A 79 17.73 -17.81 2.96
CA ASP A 79 16.93 -16.80 2.28
C ASP A 79 17.86 -15.80 1.59
N ALA A 80 18.41 -16.23 0.45
CA ALA A 80 19.40 -15.46 -0.28
C ALA A 80 18.83 -14.16 -0.87
N MET A 81 17.50 -14.11 -1.00
CA MET A 81 16.82 -12.95 -1.57
C MET A 81 16.37 -11.94 -0.51
N SER A 82 16.63 -12.25 0.76
CA SER A 82 16.06 -11.51 1.90
C SER A 82 14.56 -11.31 1.74
N SER A 83 13.87 -12.32 1.20
CA SER A 83 12.44 -12.24 0.96
C SER A 83 12.09 -10.95 0.23
N TRP A 84 12.70 -10.79 -0.95
CA TRP A 84 12.54 -9.61 -1.81
C TRP A 84 13.00 -8.34 -1.15
N TRP A 85 14.27 -8.33 -0.72
CA TRP A 85 14.96 -7.14 -0.14
C TRP A 85 14.55 -6.75 1.24
N THR A 86 13.65 -7.50 1.87
CA THR A 86 13.04 -7.01 3.10
C THR A 86 13.77 -7.40 4.38
N ALA A 87 14.28 -8.63 4.42
CA ALA A 87 14.71 -9.25 5.70
C ALA A 87 16.17 -8.95 6.06
N ILE A 88 16.50 -7.67 6.17
CA ILE A 88 17.88 -7.25 6.42
C ILE A 88 18.50 -7.80 7.72
N HIS A 89 17.68 -7.97 8.76
CA HIS A 89 18.15 -8.51 10.04
C HIS A 89 17.80 -9.96 10.22
N GLY A 90 17.38 -10.61 9.15
CA GLY A 90 16.81 -11.95 9.22
C GLY A 90 15.42 -11.99 9.82
N HIS A 91 14.81 -13.17 9.80
CA HIS A 91 13.45 -13.35 10.30
C HIS A 91 13.45 -13.62 11.79
N GLY A 92 12.40 -13.19 12.47
CA GLY A 92 12.25 -13.50 13.90
C GLY A 92 13.42 -13.04 14.74
N HIS A 93 13.92 -11.84 14.45
CA HIS A 93 14.96 -11.23 15.28
C HIS A 93 14.37 -10.86 16.62
N PRO A 94 15.02 -11.25 17.73
CA PRO A 94 14.42 -10.98 19.05
C PRO A 94 14.06 -9.52 19.31
N ALA A 95 14.91 -8.59 18.87
CA ALA A 95 14.66 -7.17 19.11
C ALA A 95 13.43 -6.66 18.36
N LEU A 96 13.22 -7.20 17.17
CA LEU A 96 12.12 -6.76 16.32
C LEU A 96 10.82 -7.44 16.74
N ASP A 97 10.90 -8.73 17.07
CA ASP A 97 9.77 -9.47 17.63
C ASP A 97 9.24 -8.77 18.88
N GLN A 98 10.14 -8.38 19.79
CA GLN A 98 9.78 -7.73 21.05
CA GLN A 98 9.71 -7.75 21.03
C GLN A 98 9.21 -6.33 20.83
N ALA A 99 9.75 -5.61 19.86
CA ALA A 99 9.24 -4.28 19.53
C ALA A 99 7.78 -4.36 19.12
N LEU A 100 7.44 -5.38 18.32
CA LEU A 100 6.07 -5.59 17.90
C LEU A 100 5.14 -5.92 19.07
N THR A 101 5.53 -6.91 19.88
CA THR A 101 4.68 -7.31 21.01
C THR A 101 4.57 -6.25 22.09
N THR A 102 5.61 -5.45 22.28
CA THR A 102 5.57 -4.33 23.22
C THR A 102 4.54 -3.30 22.78
N GLN A 103 4.58 -2.93 21.50
CA GLN A 103 3.58 -1.99 20.96
C GLN A 103 2.17 -2.57 20.99
N LEU A 104 2.05 -3.85 20.67
CA LEU A 104 0.76 -4.54 20.65
C LEU A 104 0.05 -4.45 22.01
N ARG A 105 0.84 -4.45 23.07
CA ARG A 105 0.34 -4.38 24.43
C ARG A 105 -0.35 -3.04 24.72
N VAL A 106 0.10 -1.97 24.06
CA VAL A 106 -0.39 -0.62 24.34
C VAL A 106 -1.39 -0.05 23.31
N MET A 107 -1.07 -0.19 22.03
N MET A 107 -1.04 -0.17 22.03
CA MET A 107 -1.88 0.43 20.97
CA MET A 107 -1.83 0.43 20.94
C MET A 107 -1.58 -0.14 19.59
C MET A 107 -1.52 -0.26 19.63
N ASN A 108 -2.51 -0.94 19.06
CA ASN A 108 -2.34 -1.58 17.76
C ASN A 108 -2.31 -0.56 16.62
N HIS A 109 -3.26 0.37 16.68
CA HIS A 109 -3.46 1.36 15.64
C HIS A 109 -4.42 2.39 16.11
N VAL A 110 -4.20 3.63 15.68
CA VAL A 110 -5.21 4.69 15.76
C VAL A 110 -5.17 5.46 14.45
N MET A 111 -6.29 6.07 14.07
CA MET A 111 -6.33 6.91 12.88
C MET A 111 -5.38 8.10 13.05
N PHE A 112 -4.67 8.44 11.98
CA PHE A 112 -3.70 9.54 12.01
C PHE A 112 -4.35 10.88 11.69
N GLY A 113 -5.65 10.87 11.40
CA GLY A 113 -6.39 12.11 11.16
C GLY A 113 -6.78 12.77 12.47
N GLY A 114 -6.00 13.76 12.88
CA GLY A 114 -6.28 14.51 14.11
C GLY A 114 -5.56 13.98 15.34
N LEU A 115 -4.90 12.84 15.19
CA LEU A 115 -4.16 12.20 16.28
C LEU A 115 -2.71 11.99 15.88
N THR A 116 -1.82 11.96 16.86
CA THR A 116 -0.44 11.55 16.62
C THR A 116 -0.02 10.57 17.72
N HIS A 117 1.16 9.98 17.58
CA HIS A 117 1.63 9.00 18.55
C HIS A 117 3.13 8.85 18.55
N GLU A 118 3.62 8.17 19.58
CA GLU A 118 5.05 8.03 19.83
C GLU A 118 5.80 7.25 18.74
N PRO A 119 5.25 6.10 18.28
CA PRO A 119 5.95 5.41 17.19
C PRO A 119 6.16 6.27 15.94
N ALA A 120 5.14 7.03 15.54
CA ALA A 120 5.27 7.90 14.37
C ALA A 120 6.32 8.98 14.59
N ALA A 121 6.31 9.59 15.78
CA ALA A 121 7.24 10.66 16.12
C ALA A 121 8.68 10.14 16.21
N ARG A 122 8.86 9.00 16.87
CA ARG A 122 10.18 8.40 16.99
C ARG A 122 10.76 8.05 15.62
N LEU A 123 9.94 7.45 14.76
CA LEU A 123 10.41 7.06 13.44
C LEU A 123 10.70 8.27 12.55
N ALA A 124 9.83 9.27 12.60
CA ALA A 124 10.04 10.49 11.81
C ALA A 124 11.34 11.18 12.22
N LYS A 125 11.57 11.28 13.53
CA LYS A 125 12.79 11.89 14.07
C LYS A 125 14.03 11.16 13.55
N LEU A 126 14.02 9.83 13.66
CA LEU A 126 15.10 8.99 13.15
C LEU A 126 15.36 9.17 11.65
N LEU A 127 14.30 9.07 10.86
CA LEU A 127 14.44 9.15 9.41
C LEU A 127 14.96 10.51 8.96
N VAL A 128 14.45 11.59 9.56
CA VAL A 128 14.96 12.92 9.25
C VAL A 128 16.44 13.06 9.58
N ASP A 129 16.87 12.42 10.66
N ASP A 129 16.87 12.46 10.69
CA ASP A 129 18.26 12.54 11.14
CA ASP A 129 18.27 12.52 11.13
C ASP A 129 19.28 11.67 10.40
C ASP A 129 19.23 11.81 10.18
N ILE A 130 18.83 10.63 9.72
CA ILE A 130 19.74 9.72 9.00
C ILE A 130 19.72 9.81 7.47
N THR A 131 18.67 10.41 6.92
CA THR A 131 18.57 10.55 5.46
C THR A 131 19.42 11.73 4.97
N PRO A 132 19.66 11.82 3.66
CA PRO A 132 20.46 12.94 3.15
C PRO A 132 19.95 14.29 3.64
N ALA A 133 20.88 15.21 3.90
CA ALA A 133 20.57 16.48 4.52
C ALA A 133 19.44 17.24 3.81
N GLY A 134 18.56 17.82 4.61
CA GLY A 134 17.50 18.67 4.08
C GLY A 134 16.14 18.01 3.97
N LEU A 135 16.08 16.70 4.18
CA LEU A 135 14.81 15.99 4.10
C LEU A 135 14.14 16.03 5.47
N ASP A 136 13.30 17.05 5.66
CA ASP A 136 12.81 17.45 6.99
C ASP A 136 11.39 17.03 7.33
N THR A 137 10.64 16.53 6.36
CA THR A 137 9.27 16.09 6.62
C THR A 137 9.03 14.69 6.09
N VAL A 138 8.11 13.97 6.72
CA VAL A 138 7.93 12.53 6.50
C VAL A 138 6.45 12.21 6.32
N PHE A 139 6.11 11.62 5.17
CA PHE A 139 4.76 11.14 4.89
C PHE A 139 4.77 9.62 4.88
N PHE A 140 4.11 9.01 5.85
CA PHE A 140 4.06 7.54 5.91
C PHE A 140 2.93 7.00 5.04
N SER A 141 3.21 5.90 4.35
CA SER A 141 2.18 5.17 3.61
C SER A 141 2.42 3.68 3.77
N ASP A 142 1.69 2.87 3.01
CA ASP A 142 1.71 1.44 3.28
C ASP A 142 2.52 0.60 2.31
N SER A 143 3.02 1.22 1.24
CA SER A 143 3.82 0.48 0.26
C SER A 143 4.68 1.39 -0.59
N GLY A 144 5.69 0.81 -1.20
CA GLY A 144 6.60 1.55 -2.06
C GLY A 144 5.91 2.26 -3.21
N SER A 145 5.01 1.56 -3.89
CA SER A 145 4.29 2.15 -5.03
C SER A 145 3.50 3.39 -4.59
N VAL A 146 2.83 3.28 -3.44
CA VAL A 146 2.09 4.42 -2.91
C VAL A 146 3.05 5.57 -2.57
N SER A 147 4.20 5.24 -1.99
N SER A 147 4.20 5.24 -1.98
CA SER A 147 5.17 6.28 -1.64
CA SER A 147 5.22 6.23 -1.64
C SER A 147 5.69 7.03 -2.88
C SER A 147 5.69 7.01 -2.87
N VAL A 148 5.80 6.33 -4.01
CA VAL A 148 6.19 6.94 -5.27
C VAL A 148 5.09 7.87 -5.80
N GLU A 149 3.84 7.44 -5.69
CA GLU A 149 2.70 8.27 -6.08
C GLU A 149 2.63 9.53 -5.20
N VAL A 150 2.91 9.36 -3.91
CA VAL A 150 2.98 10.50 -2.98
C VAL A 150 4.10 11.48 -3.37
N ALA A 151 5.24 10.93 -3.76
CA ALA A 151 6.37 11.75 -4.21
C ALA A 151 5.98 12.58 -5.43
N ALA A 152 5.32 11.93 -6.39
CA ALA A 152 4.86 12.62 -7.60
C ALA A 152 3.84 13.69 -7.25
N LYS A 153 2.91 13.37 -6.34
CA LYS A 153 1.92 14.33 -5.89
C LYS A 153 2.55 15.55 -5.22
N MET A 154 3.56 15.30 -4.39
CA MET A 154 4.32 16.39 -3.77
C MET A 154 4.93 17.29 -4.83
N ALA A 155 5.57 16.69 -5.83
CA ALA A 155 6.21 17.45 -6.90
C ALA A 155 5.21 18.26 -7.72
N LEU A 156 4.08 17.65 -8.05
CA LEU A 156 3.07 18.35 -8.83
C LEU A 156 2.39 19.47 -8.04
N GLN A 157 2.05 19.20 -6.78
CA GLN A 157 1.48 20.24 -5.92
C GLN A 157 2.49 21.35 -5.64
N TYR A 158 3.77 20.99 -5.57
CA TYR A 158 4.81 21.99 -5.40
C TYR A 158 4.77 23.03 -6.52
N TRP A 159 4.80 22.56 -7.77
CA TRP A 159 4.82 23.49 -8.91
C TRP A 159 3.54 24.26 -9.08
N ARG A 160 2.41 23.62 -8.75
CA ARG A 160 1.14 24.32 -8.76
C ARG A 160 1.13 25.41 -7.67
N GLY A 161 1.77 25.14 -6.55
CA GLY A 161 1.99 26.14 -5.51
C GLY A 161 2.90 27.30 -5.93
N ARG A 162 3.67 27.09 -6.99
CA ARG A 162 4.56 28.11 -7.54
C ARG A 162 3.92 28.80 -8.75
N GLY A 163 2.67 28.46 -9.05
CA GLY A 163 1.96 29.02 -10.20
C GLY A 163 2.49 28.51 -11.54
N LEU A 164 3.08 27.32 -11.54
CA LEU A 164 3.59 26.71 -12.76
C LEU A 164 3.00 25.31 -12.96
N PRO A 165 1.67 25.23 -13.19
CA PRO A 165 1.00 23.93 -13.32
C PRO A 165 1.39 23.14 -14.56
N GLY A 166 2.03 23.80 -15.52
CA GLY A 166 2.54 23.12 -16.71
C GLY A 166 3.64 22.11 -16.39
N LYS A 167 4.29 22.30 -15.24
CA LYS A 167 5.33 21.38 -14.78
C LYS A 167 4.68 20.16 -14.12
N ARG A 168 4.34 19.18 -14.94
CA ARG A 168 3.53 18.04 -14.52
C ARG A 168 4.01 16.69 -15.04
N ARG A 169 5.03 16.70 -15.89
CA ARG A 169 5.60 15.45 -16.40
C ARG A 169 6.80 15.04 -15.56
N LEU A 170 7.19 13.78 -15.71
CA LEU A 170 8.36 13.23 -15.02
C LEU A 170 9.38 12.79 -16.04
N MET A 171 10.66 12.91 -15.66
CA MET A 171 11.75 12.41 -16.49
C MET A 171 12.56 11.38 -15.70
N THR A 172 12.99 10.34 -16.40
CA THR A 172 13.86 9.33 -15.82
C THR A 172 14.78 8.76 -16.88
N TRP A 173 15.68 7.88 -16.46
CA TRP A 173 16.47 7.10 -17.39
C TRP A 173 15.90 5.71 -17.50
N ARG A 174 16.20 5.03 -18.60
CA ARG A 174 15.69 3.68 -18.79
C ARG A 174 16.30 2.69 -17.80
N GLY A 175 15.68 1.53 -17.69
CA GLY A 175 16.15 0.46 -16.81
C GLY A 175 15.61 0.52 -15.39
N GLY A 176 14.71 1.48 -15.14
CA GLY A 176 14.22 1.72 -13.79
C GLY A 176 12.99 0.94 -13.39
N TYR A 177 12.74 0.89 -12.09
CA TYR A 177 11.51 0.33 -11.56
C TYR A 177 11.05 1.17 -10.39
N HIS A 178 9.76 1.51 -10.38
CA HIS A 178 9.21 2.38 -9.35
C HIS A 178 7.89 1.93 -8.78
N GLY A 179 7.47 0.72 -9.12
CA GLY A 179 6.24 0.16 -8.58
C GLY A 179 5.19 -0.12 -9.62
N ASP A 180 4.01 -0.54 -9.15
CA ASP A 180 2.99 -1.15 -10.00
C ASP A 180 1.68 -0.39 -10.12
N THR A 181 1.49 0.64 -9.31
CA THR A 181 0.34 1.53 -9.49
C THR A 181 0.56 2.33 -10.77
N PHE A 182 -0.51 2.91 -11.31
CA PHE A 182 -0.45 3.42 -12.69
C PHE A 182 0.51 4.59 -12.95
N LEU A 183 0.67 5.51 -12.00
CA LEU A 183 1.67 6.56 -12.16
CA LEU A 183 1.67 6.55 -12.18
C LEU A 183 3.08 5.95 -12.03
N ALA A 184 3.27 5.11 -11.03
CA ALA A 184 4.57 4.44 -10.85
C ALA A 184 4.98 3.67 -12.11
N MET A 185 4.01 2.99 -12.74
CA MET A 185 4.26 2.26 -13.98
C MET A 185 4.83 3.15 -15.07
N SER A 186 4.35 4.40 -15.12
CA SER A 186 4.69 5.32 -16.20
C SER A 186 6.17 5.68 -16.25
N ILE A 187 6.87 5.50 -15.12
CA ILE A 187 8.31 5.78 -15.08
C ILE A 187 9.17 4.53 -14.95
N CYS A 188 8.53 3.36 -14.96
CA CYS A 188 9.26 2.10 -15.06
C CYS A 188 9.83 1.97 -16.46
N ASP A 189 10.89 1.18 -16.60
CA ASP A 189 11.48 0.92 -17.89
C ASP A 189 10.40 0.50 -18.88
N PRO A 190 10.31 1.18 -20.05
CA PRO A 190 9.24 0.82 -20.98
C PRO A 190 9.27 -0.65 -21.44
N HIS A 191 10.45 -1.22 -21.60
CA HIS A 191 10.56 -2.62 -21.99
C HIS A 191 10.25 -3.54 -20.84
N GLY A 192 10.98 -3.38 -19.73
CA GLY A 192 10.76 -4.20 -18.54
C GLY A 192 9.34 -4.10 -18.00
N GLY A 193 8.78 -2.89 -18.07
CA GLY A 193 7.42 -2.61 -17.58
C GLY A 193 6.32 -2.92 -18.56
N MET A 194 6.68 -3.53 -19.69
CA MET A 194 5.74 -3.96 -20.73
CA MET A 194 5.73 -3.97 -20.71
C MET A 194 4.75 -2.86 -21.12
N HIS A 195 5.27 -1.67 -21.39
CA HIS A 195 4.46 -0.54 -21.77
C HIS A 195 3.72 -0.74 -23.07
N SER A 196 4.20 -1.67 -23.88
CA SER A 196 3.53 -2.07 -25.13
C SER A 196 2.12 -2.59 -24.89
N LEU A 197 1.90 -3.19 -23.71
CA LEU A 197 0.59 -3.69 -23.34
C LEU A 197 -0.30 -2.58 -22.79
N TRP A 198 0.29 -1.41 -22.56
CA TRP A 198 -0.43 -0.30 -21.92
C TRP A 198 -0.63 0.91 -22.80
N THR A 199 -0.59 0.69 -24.11
CA THR A 199 -0.79 1.77 -25.07
C THR A 199 -2.07 2.55 -24.78
N ASP A 200 -1.94 3.88 -24.73
CA ASP A 200 -3.03 4.81 -24.48
C ASP A 200 -3.51 4.88 -23.02
N VAL A 201 -2.87 4.12 -22.13
CA VAL A 201 -3.29 4.06 -20.73
C VAL A 201 -2.37 4.86 -19.81
N LEU A 202 -1.06 4.73 -20.00
CA LEU A 202 -0.08 5.35 -19.10
C LEU A 202 0.19 6.81 -19.45
N ALA A 203 0.51 7.61 -18.43
CA ALA A 203 1.04 8.96 -18.65
C ALA A 203 2.31 8.87 -19.47
N ALA A 204 2.47 9.78 -20.42
CA ALA A 204 3.63 9.81 -21.30
C ALA A 204 4.77 10.59 -20.66
N GLN A 205 5.81 9.89 -20.23
CA GLN A 205 6.92 10.52 -19.52
C GLN A 205 8.15 10.65 -20.41
N VAL A 206 9.17 11.33 -19.90
CA VAL A 206 10.39 11.57 -20.66
C VAL A 206 11.47 10.57 -20.24
N PHE A 207 11.98 9.82 -21.21
CA PHE A 207 13.00 8.80 -20.95
C PHE A 207 14.34 9.10 -21.60
N ALA A 208 15.38 9.22 -20.77
CA ALA A 208 16.75 9.24 -21.24
C ALA A 208 17.21 7.80 -21.46
N PRO A 209 18.27 7.58 -22.27
CA PRO A 209 18.77 6.23 -22.45
C PRO A 209 19.25 5.59 -21.15
N GLN A 210 19.44 4.28 -21.18
CA GLN A 210 19.97 3.55 -20.03
C GLN A 210 21.23 4.24 -19.49
N VAL A 211 21.27 4.50 -18.19
CA VAL A 211 22.47 5.06 -17.57
C VAL A 211 23.58 3.99 -17.56
N PRO A 212 24.77 4.33 -18.07
CA PRO A 212 25.84 3.33 -18.16
C PRO A 212 26.47 3.01 -16.81
N ARG A 213 27.20 1.91 -16.74
CA ARG A 213 27.92 1.55 -15.51
C ARG A 213 29.05 2.54 -15.23
N ASP A 214 29.93 2.74 -16.20
CA ASP A 214 31.08 3.62 -16.03
C ASP A 214 30.69 5.06 -16.29
N TYR A 215 31.37 5.98 -15.62
CA TYR A 215 31.09 7.40 -15.80
C TYR A 215 31.53 7.92 -17.16
N ASP A 216 30.58 8.53 -17.87
CA ASP A 216 30.82 9.11 -19.18
C ASP A 216 30.19 10.49 -19.19
N PRO A 217 31.02 11.55 -19.25
CA PRO A 217 30.50 12.92 -19.25
C PRO A 217 29.52 13.18 -20.40
N ALA A 218 29.69 12.46 -21.51
CA ALA A 218 28.81 12.59 -22.67
C ALA A 218 27.38 12.18 -22.35
N TYR A 219 27.22 11.18 -21.48
CA TYR A 219 25.89 10.77 -21.07
C TYR A 219 25.15 11.88 -20.32
N SER A 220 25.84 12.50 -19.36
CA SER A 220 25.25 13.58 -18.57
C SER A 220 24.94 14.80 -19.42
N ALA A 221 25.84 15.10 -20.37
CA ALA A 221 25.61 16.19 -21.32
C ALA A 221 24.36 15.93 -22.15
N ALA A 222 24.18 14.68 -22.59
CA ALA A 222 22.99 14.30 -23.36
C ALA A 222 21.73 14.35 -22.50
N PHE A 223 21.84 13.91 -21.24
CA PHE A 223 20.73 13.98 -20.29
C PHE A 223 20.28 15.42 -20.13
N GLU A 224 21.22 16.33 -19.90
CA GLU A 224 20.92 17.75 -19.77
C GLU A 224 20.25 18.32 -21.03
N ALA A 225 20.80 17.99 -22.19
CA ALA A 225 20.26 18.47 -23.46
C ALA A 225 18.80 18.07 -23.65
N GLN A 226 18.48 16.84 -23.24
CA GLN A 226 17.12 16.33 -23.35
C GLN A 226 16.20 17.00 -22.34
N LEU A 227 16.65 17.10 -21.10
CA LEU A 227 15.90 17.78 -20.04
C LEU A 227 15.62 19.24 -20.42
N ALA A 228 16.62 19.89 -21.02
CA ALA A 228 16.49 21.29 -21.45
C ALA A 228 15.30 21.51 -22.37
N GLN A 229 15.00 20.53 -23.21
CA GLN A 229 13.89 20.61 -24.15
C GLN A 229 12.52 20.45 -23.50
N HIS A 230 12.52 20.01 -22.25
CA HIS A 230 11.28 19.69 -21.53
C HIS A 230 11.14 20.39 -20.20
N ALA A 231 12.11 21.22 -19.84
CA ALA A 231 12.17 21.78 -18.48
C ALA A 231 10.86 22.45 -18.04
N GLY A 232 10.22 23.17 -18.96
CA GLY A 232 8.96 23.87 -18.67
C GLY A 232 7.76 22.98 -18.41
N GLU A 233 7.87 21.71 -18.77
CA GLU A 233 6.79 20.76 -18.52
C GLU A 233 7.17 19.67 -17.52
N LEU A 234 8.39 19.74 -16.99
CA LEU A 234 8.86 18.75 -16.02
C LEU A 234 8.72 19.17 -14.57
N ALA A 235 7.99 18.36 -13.79
CA ALA A 235 7.93 18.53 -12.35
C ALA A 235 9.18 18.00 -11.66
N ALA A 236 9.67 16.85 -12.13
CA ALA A 236 10.72 16.13 -11.42
C ALA A 236 11.47 15.15 -12.31
N VAL A 237 12.75 14.92 -11.96
CA VAL A 237 13.51 13.76 -12.38
C VAL A 237 13.37 12.74 -11.25
N VAL A 238 13.03 11.50 -11.61
CA VAL A 238 12.88 10.42 -10.63
C VAL A 238 13.80 9.28 -11.05
N VAL A 239 14.71 8.89 -10.15
CA VAL A 239 15.64 7.79 -10.44
C VAL A 239 15.88 6.94 -9.19
N GLU A 240 16.29 5.69 -9.42
CA GLU A 240 16.90 4.88 -8.37
C GLU A 240 18.38 5.23 -8.34
N PRO A 241 18.90 5.68 -7.18
CA PRO A 241 20.32 6.03 -7.11
C PRO A 241 21.26 4.83 -6.97
N VAL A 242 22.30 4.83 -7.81
CA VAL A 242 23.39 3.84 -7.82
C VAL A 242 23.01 2.44 -8.31
N VAL A 243 21.95 1.88 -7.75
CA VAL A 243 21.51 0.54 -8.12
C VAL A 243 20.08 0.57 -8.62
N GLN A 244 19.88 0.06 -9.84
CA GLN A 244 18.54 -0.18 -10.36
C GLN A 244 18.20 -1.64 -10.10
N GLY A 245 17.09 -1.87 -9.40
CA GLY A 245 16.71 -3.22 -8.96
C GLY A 245 15.93 -4.05 -9.97
N ALA A 246 14.60 -3.96 -9.89
CA ALA A 246 13.74 -4.85 -10.68
C ALA A 246 13.85 -4.67 -12.19
N GLY A 247 14.37 -3.52 -12.63
CA GLY A 247 14.57 -3.26 -14.05
C GLY A 247 15.83 -3.85 -14.64
N GLY A 248 16.65 -4.51 -13.82
CA GLY A 248 17.82 -5.21 -14.34
C GLY A 248 19.07 -5.35 -13.47
N MET A 249 18.96 -5.04 -12.18
CA MET A 249 20.08 -5.18 -11.25
C MET A 249 21.37 -4.58 -11.82
N ARG A 250 21.26 -3.35 -12.33
CA ARG A 250 22.37 -2.63 -12.92
C ARG A 250 22.91 -1.62 -11.94
N PHE A 251 24.22 -1.41 -11.98
CA PHE A 251 24.86 -0.42 -11.12
C PHE A 251 25.41 0.70 -12.00
N HIS A 252 25.39 1.92 -11.48
CA HIS A 252 25.99 3.06 -12.20
C HIS A 252 26.84 3.89 -11.29
N ASP A 253 27.79 4.60 -11.89
CA ASP A 253 28.73 5.43 -11.14
C ASP A 253 27.99 6.52 -10.36
N PRO A 254 28.29 6.66 -9.06
CA PRO A 254 27.62 7.68 -8.24
C PRO A 254 27.78 9.11 -8.76
N ARG A 255 28.81 9.37 -9.58
CA ARG A 255 29.03 10.70 -10.12
C ARG A 255 27.86 11.19 -10.98
N TYR A 256 27.11 10.26 -11.58
CA TYR A 256 25.92 10.63 -12.33
C TYR A 256 24.89 11.34 -11.45
N LEU A 257 24.86 11.00 -10.17
CA LEU A 257 23.92 11.63 -9.22
C LEU A 257 24.29 13.08 -8.93
N HIS A 258 25.59 13.36 -8.91
N HIS A 258 25.59 13.35 -8.88
CA HIS A 258 26.09 14.74 -8.78
CA HIS A 258 26.13 14.71 -8.81
C HIS A 258 25.68 15.56 -9.97
C HIS A 258 25.60 15.52 -9.95
N ASP A 259 25.75 14.97 -11.16
CA ASP A 259 25.31 15.63 -12.39
C ASP A 259 23.80 15.87 -12.37
N LEU A 260 23.02 14.87 -11.97
CA LEU A 260 21.57 15.04 -11.86
C LEU A 260 21.20 16.17 -10.92
N ARG A 261 21.88 16.24 -9.77
CA ARG A 261 21.63 17.31 -8.80
C ARG A 261 21.91 18.69 -9.40
N ASP A 262 23.03 18.80 -10.12
CA ASP A 262 23.42 20.05 -10.79
C ASP A 262 22.42 20.44 -11.90
N ILE A 263 22.07 19.49 -12.76
CA ILE A 263 21.11 19.75 -13.84
C ILE A 263 19.77 20.20 -13.27
N CYS A 264 19.28 19.48 -12.26
CA CYS A 264 17.99 19.78 -11.64
C CYS A 264 17.96 21.15 -10.97
N ARG A 265 19.06 21.51 -10.30
CA ARG A 265 19.20 22.83 -9.70
C ARG A 265 19.13 23.94 -10.76
N ARG A 266 19.92 23.79 -11.83
CA ARG A 266 20.02 24.83 -12.87
C ARG A 266 18.73 25.02 -13.68
N TYR A 267 18.00 23.93 -13.90
CA TYR A 267 16.79 23.97 -14.73
C TYR A 267 15.50 24.03 -13.93
N GLU A 268 15.62 24.12 -12.61
CA GLU A 268 14.49 24.18 -11.69
C GLU A 268 13.50 23.03 -11.93
N VAL A 269 14.03 21.82 -11.78
CA VAL A 269 13.26 20.59 -11.82
C VAL A 269 13.60 19.89 -10.51
N LEU A 270 12.60 19.36 -9.80
CA LEU A 270 12.87 18.66 -8.53
C LEU A 270 13.57 17.35 -8.78
N LEU A 271 14.40 16.93 -7.83
CA LEU A 271 15.06 15.63 -7.92
C LEU A 271 14.47 14.68 -6.89
N ILE A 272 13.99 13.54 -7.39
CA ILE A 272 13.41 12.52 -6.52
C ILE A 272 14.25 11.26 -6.59
N PHE A 273 14.70 10.78 -5.43
CA PHE A 273 15.38 9.49 -5.33
C PHE A 273 14.45 8.43 -4.77
N ASP A 274 14.28 7.37 -5.55
CA ASP A 274 13.56 6.20 -5.10
C ASP A 274 14.56 5.23 -4.46
N GLU A 275 14.62 5.23 -3.13
CA GLU A 275 15.52 4.37 -2.38
C GLU A 275 14.77 3.21 -1.73
N ILE A 276 13.66 2.83 -2.35
CA ILE A 276 12.84 1.75 -1.79
C ILE A 276 13.58 0.41 -1.74
N ALA A 277 14.45 0.16 -2.71
CA ALA A 277 15.32 -1.04 -2.70
C ALA A 277 16.71 -0.78 -2.09
N THR A 278 17.22 0.44 -2.28
CA THR A 278 18.61 0.73 -1.93
C THR A 278 18.81 1.15 -0.48
N GLY A 279 17.74 1.52 0.21
CA GLY A 279 17.84 2.09 1.55
C GLY A 279 18.42 1.17 2.63
N PHE A 280 18.84 1.79 3.73
CA PHE A 280 19.22 1.07 4.96
C PHE A 280 20.39 0.10 4.79
N GLY A 281 21.44 0.59 4.16
CA GLY A 281 22.74 -0.11 4.14
C GLY A 281 22.99 -1.01 2.95
N ARG A 282 21.96 -1.28 2.15
CA ARG A 282 22.02 -2.36 1.16
C ARG A 282 23.16 -2.24 0.13
N THR A 283 23.44 -1.01 -0.30
CA THR A 283 24.48 -0.78 -1.31
C THR A 283 25.84 -0.46 -0.70
N GLY A 284 25.95 -0.57 0.62
CA GLY A 284 27.21 -0.30 1.29
C GLY A 284 27.33 1.07 1.92
N ALA A 285 26.37 1.95 1.59
CA ALA A 285 26.21 3.23 2.27
C ALA A 285 24.84 3.18 2.94
N LEU A 286 24.57 4.06 3.90
CA LEU A 286 23.30 3.99 4.61
C LEU A 286 22.15 4.19 3.63
N PHE A 287 22.29 5.20 2.78
CA PHE A 287 21.42 5.38 1.62
C PHE A 287 22.31 5.53 0.41
N ALA A 288 21.84 5.05 -0.72
CA ALA A 288 22.68 5.02 -1.93
C ALA A 288 23.11 6.42 -2.35
N ALA A 289 22.25 7.41 -2.10
CA ALA A 289 22.58 8.81 -2.36
C ALA A 289 23.87 9.24 -1.68
N ASP A 290 24.16 8.61 -0.53
CA ASP A 290 25.37 8.92 0.24
C ASP A 290 26.66 8.62 -0.52
N HIS A 291 26.60 7.73 -1.51
CA HIS A 291 27.78 7.44 -2.34
C HIS A 291 28.21 8.64 -3.13
N ALA A 292 27.29 9.60 -3.31
CA ALA A 292 27.58 10.82 -4.07
C ALA A 292 27.49 12.08 -3.21
N GLY A 293 27.12 11.93 -1.94
CA GLY A 293 26.87 13.08 -1.06
C GLY A 293 25.71 13.95 -1.49
N VAL A 294 24.79 13.38 -2.29
CA VAL A 294 23.71 14.15 -2.89
C VAL A 294 22.43 14.08 -2.06
N SER A 295 21.77 15.23 -1.93
CA SER A 295 20.45 15.32 -1.33
C SER A 295 19.41 15.56 -2.42
N PRO A 296 18.42 14.66 -2.54
CA PRO A 296 17.31 14.93 -3.44
C PRO A 296 16.30 15.86 -2.76
N ASP A 297 15.35 16.39 -3.52
CA ASP A 297 14.28 17.20 -2.94
C ASP A 297 13.23 16.34 -2.25
N ILE A 298 13.03 15.14 -2.79
CA ILE A 298 12.04 14.17 -2.31
C ILE A 298 12.71 12.80 -2.36
N MET A 299 12.40 11.96 -1.37
CA MET A 299 12.98 10.62 -1.28
C MET A 299 11.94 9.59 -0.83
N CYS A 300 11.98 8.42 -1.46
CA CYS A 300 11.10 7.31 -1.06
C CYS A 300 11.91 6.17 -0.44
N VAL A 301 11.37 5.58 0.62
CA VAL A 301 11.95 4.39 1.26
C VAL A 301 10.85 3.36 1.53
N GLY A 302 11.21 2.09 1.67
CA GLY A 302 10.18 1.07 1.90
C GLY A 302 10.55 -0.36 2.26
N LYS A 303 11.19 -1.06 1.34
CA LYS A 303 11.29 -2.52 1.47
C LYS A 303 11.84 -3.04 2.78
N ALA A 304 12.96 -2.46 3.21
CA ALA A 304 13.65 -2.89 4.42
C ALA A 304 13.30 -2.02 5.62
N LEU A 305 12.34 -1.11 5.45
CA LEU A 305 12.02 -0.14 6.48
C LEU A 305 11.62 -0.77 7.82
N THR A 306 10.81 -1.83 7.77
CA THR A 306 10.39 -2.54 8.98
C THR A 306 11.20 -3.80 9.26
N GLY A 307 12.35 -3.93 8.61
CA GLY A 307 13.14 -5.17 8.70
C GLY A 307 12.42 -6.38 8.10
N GLY A 308 11.44 -6.11 7.24
CA GLY A 308 10.72 -7.16 6.53
C GLY A 308 9.62 -7.84 7.33
N TYR A 309 9.12 -7.17 8.36
CA TYR A 309 8.02 -7.70 9.14
C TYR A 309 6.68 -7.32 8.54
N LEU A 310 6.54 -6.04 8.19
CA LEU A 310 5.25 -5.45 7.86
C LEU A 310 5.40 -4.44 6.74
N SER A 311 4.35 -4.29 5.95
CA SER A 311 4.33 -3.29 4.90
CA SER A 311 4.31 -3.28 4.90
C SER A 311 4.34 -1.88 5.52
N LEU A 312 5.27 -1.06 5.06
CA LEU A 312 5.40 0.34 5.46
C LEU A 312 6.34 1.02 4.49
N ALA A 313 6.01 2.25 4.14
CA ALA A 313 6.87 3.06 3.31
C ALA A 313 6.83 4.51 3.78
N ALA A 314 7.77 5.31 3.31
CA ALA A 314 7.79 6.73 3.65
C ALA A 314 8.26 7.56 2.49
N THR A 315 7.70 8.77 2.38
CA THR A 315 8.15 9.74 1.40
C THR A 315 8.58 10.96 2.19
N LEU A 316 9.84 11.36 1.99
CA LEU A 316 10.38 12.53 2.68
C LEU A 316 10.55 13.66 1.69
N CYS A 317 10.32 14.89 2.15
CA CYS A 317 10.62 16.04 1.32
C CYS A 317 11.20 17.17 2.16
N THR A 318 11.79 18.13 1.46
CA THR A 318 12.42 19.27 2.11
C THR A 318 11.37 20.19 2.73
N ALA A 319 11.82 21.06 3.65
CA ALA A 319 10.96 22.06 4.24
C ALA A 319 10.38 22.98 3.17
N ASP A 320 11.21 23.35 2.19
CA ASP A 320 10.79 24.23 1.13
C ASP A 320 9.64 23.63 0.32
N VAL A 321 9.77 22.35 -0.03
CA VAL A 321 8.69 21.66 -0.75
C VAL A 321 7.42 21.61 0.10
N ALA A 322 7.57 21.25 1.38
CA ALA A 322 6.45 21.14 2.31
C ALA A 322 5.71 22.47 2.49
N HIS A 323 6.48 23.55 2.66
CA HIS A 323 5.89 24.88 2.84
C HIS A 323 5.19 25.39 1.62
N THR A 324 5.78 25.14 0.45
CA THR A 324 5.19 25.58 -0.81
C THR A 324 3.86 24.87 -1.08
N ILE A 325 3.82 23.56 -0.82
CA ILE A 325 2.57 22.80 -0.92
C ILE A 325 1.55 23.36 0.07
N SER A 326 1.99 23.59 1.31
CA SER A 326 1.10 24.04 2.38
C SER A 326 0.53 25.45 2.17
N ALA A 327 1.26 26.27 1.42
CA ALA A 327 0.81 27.62 1.10
C ALA A 327 0.00 27.66 -0.20
N GLY A 328 -0.07 26.53 -0.90
CA GLY A 328 -0.77 26.43 -2.19
C GLY A 328 -2.28 26.38 -2.06
N ALA A 329 -2.95 26.25 -3.20
CA ALA A 329 -4.42 26.32 -3.28
C ALA A 329 -5.16 25.33 -2.39
N ALA A 330 -4.64 24.11 -2.31
CA ALA A 330 -5.23 23.07 -1.46
C ALA A 330 -4.93 23.31 0.02
N GLY A 331 -3.86 24.06 0.28
CA GLY A 331 -3.38 24.30 1.65
C GLY A 331 -2.92 23.05 2.37
N ALA A 332 -2.70 21.99 1.60
CA ALA A 332 -2.41 20.66 2.14
C ALA A 332 -1.98 19.72 1.03
N LEU A 333 -1.26 18.66 1.40
CA LEU A 333 -0.93 17.59 0.49
C LEU A 333 -2.15 16.68 0.43
N MET A 334 -2.68 16.50 -0.79
CA MET A 334 -3.95 15.82 -0.99
CA MET A 334 -3.96 15.82 -0.98
C MET A 334 -3.83 14.29 -1.00
N HIS A 335 -3.39 13.74 0.12
CA HIS A 335 -3.17 12.29 0.24
C HIS A 335 -3.30 11.90 1.69
N GLY A 336 -3.85 10.72 1.94
CA GLY A 336 -4.02 10.25 3.30
C GLY A 336 -4.49 8.81 3.38
N PRO A 337 -3.54 7.86 3.45
CA PRO A 337 -3.85 6.42 3.55
C PRO A 337 -4.54 6.05 4.86
N THR A 338 -5.49 5.12 4.79
CA THR A 338 -6.22 4.64 5.97
C THR A 338 -5.30 4.27 7.13
N PHE A 339 -4.26 3.49 6.84
CA PHE A 339 -3.35 3.03 7.87
C PHE A 339 -2.08 3.88 8.01
N MET A 340 -2.16 5.14 7.57
CA MET A 340 -1.06 6.07 7.68
C MET A 340 -0.42 6.03 9.06
N ALA A 341 0.90 5.84 9.08
CA ALA A 341 1.71 5.84 10.31
C ALA A 341 1.28 4.79 11.33
N ASN A 342 0.80 3.65 10.86
CA ASN A 342 0.39 2.54 11.72
C ASN A 342 1.38 2.32 12.86
N PRO A 343 0.92 2.45 14.12
CA PRO A 343 1.79 2.27 15.28
C PRO A 343 2.58 0.96 15.29
N LEU A 344 1.97 -0.16 14.89
CA LEU A 344 2.68 -1.43 14.93
C LEU A 344 3.86 -1.44 13.94
N ALA A 345 3.59 -1.05 12.70
CA ALA A 345 4.63 -0.99 11.67
C ALA A 345 5.71 0.02 12.04
N CYS A 346 5.32 1.18 12.54
CA CYS A 346 6.29 2.20 12.94
C CYS A 346 7.16 1.72 14.09
N ALA A 347 6.57 1.02 15.07
CA ALA A 347 7.32 0.51 16.22
C ALA A 347 8.39 -0.48 15.80
N VAL A 348 8.04 -1.41 14.91
CA VAL A 348 9.02 -2.38 14.46
CA VAL A 348 9.00 -2.40 14.41
C VAL A 348 10.08 -1.72 13.59
N SER A 349 9.70 -0.71 12.80
CA SER A 349 10.64 0.07 12.00
CA SER A 349 10.65 0.05 12.00
C SER A 349 11.66 0.80 12.87
N VAL A 350 11.18 1.43 13.94
CA VAL A 350 12.07 2.11 14.91
C VAL A 350 13.12 1.12 15.39
N ALA A 351 12.68 -0.06 15.81
CA ALA A 351 13.58 -1.09 16.32
C ALA A 351 14.55 -1.56 15.24
N SER A 352 14.07 -1.71 14.01
CA SER A 352 14.92 -2.15 12.91
C SER A 352 16.01 -1.14 12.57
N VAL A 353 15.61 0.14 12.50
CA VAL A 353 16.55 1.21 12.19
C VAL A 353 17.58 1.38 13.31
N GLU A 354 17.11 1.35 14.56
CA GLU A 354 18.01 1.44 15.71
C GLU A 354 18.96 0.26 15.79
N LEU A 355 18.48 -0.93 15.44
CA LEU A 355 19.33 -2.13 15.41
C LEU A 355 20.45 -1.97 14.38
N LEU A 356 20.11 -1.42 13.22
CA LEU A 356 21.09 -1.18 12.18
C LEU A 356 22.14 -0.13 12.62
N LEU A 357 21.66 0.97 13.19
CA LEU A 357 22.54 2.07 13.57
C LEU A 357 23.39 1.73 14.78
N GLY A 358 22.90 0.84 15.64
CA GLY A 358 23.57 0.47 16.88
C GLY A 358 24.71 -0.52 16.71
N GLN A 359 24.93 -0.99 15.48
CA GLN A 359 26.03 -1.87 15.17
C GLN A 359 26.95 -1.23 14.12
N ASP A 360 28.12 -1.81 13.90
CA ASP A 360 29.00 -1.36 12.83
C ASP A 360 28.51 -1.94 11.49
N TRP A 361 27.40 -1.39 11.01
CA TRP A 361 26.77 -1.89 9.79
C TRP A 361 27.67 -1.76 8.57
N ARG A 362 28.50 -0.72 8.54
CA ARG A 362 29.33 -0.47 7.35
C ARG A 362 30.38 -1.56 7.17
N THR A 363 30.99 -1.97 8.27
CA THR A 363 31.94 -3.07 8.27
C THR A 363 31.24 -4.37 7.91
N ARG A 364 30.05 -4.57 8.45
CA ARG A 364 29.24 -5.76 8.14
C ARG A 364 28.96 -5.89 6.64
N ILE A 365 28.50 -4.80 6.02
CA ILE A 365 28.18 -4.82 4.59
C ILE A 365 29.44 -4.98 3.75
N THR A 366 30.53 -4.34 4.18
CA THR A 366 31.83 -4.47 3.51
C THR A 366 32.29 -5.94 3.51
N GLU A 367 32.15 -6.60 4.65
CA GLU A 367 32.49 -8.01 4.77
C GLU A 367 31.61 -8.87 3.89
N LEU A 368 30.31 -8.55 3.87
CA LEU A 368 29.36 -9.28 3.04
C LEU A 368 29.68 -9.12 1.56
N ALA A 369 29.98 -7.89 1.14
CA ALA A 369 30.35 -7.61 -0.24
C ALA A 369 31.61 -8.37 -0.65
N ALA A 370 32.61 -8.39 0.23
CA ALA A 370 33.84 -9.13 -0.01
C ALA A 370 33.57 -10.63 -0.17
N GLY A 371 32.66 -11.15 0.65
CA GLY A 371 32.23 -12.55 0.55
C GLY A 371 31.56 -12.85 -0.79
N LEU A 372 30.67 -11.96 -1.20
CA LEU A 372 30.01 -12.11 -2.50
C LEU A 372 31.01 -12.04 -3.65
N THR A 373 31.92 -11.07 -3.61
CA THR A 373 32.94 -10.92 -4.64
C THR A 373 33.82 -12.18 -4.74
N ALA A 374 34.29 -12.65 -3.59
CA ALA A 374 35.16 -13.83 -3.56
C ALA A 374 34.44 -15.08 -4.05
N GLY A 375 33.19 -15.24 -3.63
CA GLY A 375 32.42 -16.43 -3.93
C GLY A 375 31.92 -16.50 -5.37
N LEU A 376 31.74 -15.34 -5.98
CA LEU A 376 31.20 -15.29 -7.35
C LEU A 376 32.27 -15.20 -8.42
N ASP A 377 33.53 -15.00 -8.02
CA ASP A 377 34.62 -14.82 -8.98
C ASP A 377 34.71 -15.96 -10.00
N THR A 378 34.53 -17.19 -9.54
CA THR A 378 34.65 -18.37 -10.39
C THR A 378 33.59 -18.43 -11.50
N ALA A 379 32.49 -17.70 -11.32
CA ALA A 379 31.42 -17.66 -12.32
C ALA A 379 31.84 -16.95 -13.61
N ARG A 380 32.80 -16.03 -13.50
CA ARG A 380 33.26 -15.24 -14.65
CA ARG A 380 33.27 -15.25 -14.65
C ARG A 380 33.76 -16.12 -15.80
N ALA A 381 34.27 -17.31 -15.46
CA ALA A 381 34.84 -18.23 -16.44
C ALA A 381 33.83 -19.17 -17.07
N LEU A 382 32.62 -19.22 -16.51
CA LEU A 382 31.56 -20.10 -17.03
C LEU A 382 31.09 -19.66 -18.41
N PRO A 383 30.82 -20.62 -19.31
CA PRO A 383 30.47 -20.33 -20.71
C PRO A 383 29.24 -19.43 -20.91
N ALA A 384 28.26 -19.55 -20.02
CA ALA A 384 27.01 -18.79 -20.17
C ALA A 384 26.96 -17.50 -19.35
N VAL A 385 28.09 -17.11 -18.76
CA VAL A 385 28.13 -15.91 -17.91
C VAL A 385 28.73 -14.72 -18.66
N THR A 386 27.98 -13.63 -18.71
CA THR A 386 28.42 -12.41 -19.41
CA THR A 386 28.36 -12.39 -19.41
C THR A 386 29.04 -11.38 -18.47
N ASP A 387 28.57 -11.33 -17.23
CA ASP A 387 29.11 -10.39 -16.25
C ASP A 387 28.87 -10.89 -14.83
N VAL A 388 29.77 -10.55 -13.92
CA VAL A 388 29.60 -10.75 -12.49
C VAL A 388 29.83 -9.40 -11.82
N ARG A 389 28.89 -8.96 -10.99
CA ARG A 389 29.03 -7.65 -10.35
C ARG A 389 28.47 -7.66 -8.94
N VAL A 390 29.12 -6.89 -8.07
CA VAL A 390 28.76 -6.81 -6.67
C VAL A 390 28.73 -5.33 -6.26
N CYS A 391 27.70 -4.96 -5.50
CA CYS A 391 27.63 -3.63 -4.91
C CYS A 391 27.01 -3.75 -3.52
N GLY A 392 27.83 -3.55 -2.49
CA GLY A 392 27.39 -3.81 -1.12
C GLY A 392 26.88 -5.23 -0.99
N ALA A 393 25.74 -5.40 -0.33
CA ALA A 393 25.16 -6.72 -0.10
C ALA A 393 24.25 -7.14 -1.26
N ILE A 394 24.76 -6.98 -2.48
CA ILE A 394 24.06 -7.36 -3.71
C ILE A 394 25.09 -8.03 -4.61
N GLY A 395 24.79 -9.26 -5.02
CA GLY A 395 25.67 -9.97 -5.95
C GLY A 395 24.89 -10.46 -7.16
N VAL A 396 25.45 -10.28 -8.35
CA VAL A 396 24.75 -10.57 -9.59
C VAL A 396 25.61 -11.36 -10.56
N ILE A 397 25.07 -12.48 -11.05
CA ILE A 397 25.62 -13.17 -12.21
C ILE A 397 24.69 -12.90 -13.39
N GLU A 398 25.20 -12.18 -14.38
CA GLU A 398 24.45 -11.93 -15.61
C GLU A 398 24.78 -13.01 -16.63
N CYS A 399 23.75 -13.73 -17.07
CA CYS A 399 23.90 -14.84 -18.00
C CYS A 399 23.58 -14.42 -19.45
N ASP A 400 23.93 -15.29 -20.39
CA ASP A 400 23.75 -15.00 -21.81
C ASP A 400 22.39 -15.48 -22.35
N ARG A 401 21.55 -16.00 -21.46
CA ARG A 401 20.22 -16.47 -21.82
C ARG A 401 19.28 -16.33 -20.62
N PRO A 402 17.96 -16.24 -20.87
CA PRO A 402 17.01 -16.26 -19.76
C PRO A 402 17.15 -17.53 -18.93
N VAL A 403 17.08 -17.38 -17.61
CA VAL A 403 17.25 -18.49 -16.69
C VAL A 403 15.93 -19.23 -16.50
N ASP A 404 15.94 -20.54 -16.75
CA ASP A 404 14.75 -21.36 -16.54
C ASP A 404 14.56 -21.63 -15.05
N LEU A 405 13.49 -21.07 -14.49
CA LEU A 405 13.19 -21.22 -13.06
C LEU A 405 12.91 -22.65 -12.65
N ALA A 406 12.34 -23.42 -13.58
CA ALA A 406 12.00 -24.82 -13.34
C ALA A 406 13.25 -25.66 -13.04
N VAL A 407 14.40 -25.22 -13.56
CA VAL A 407 15.68 -25.87 -13.28
C VAL A 407 16.41 -25.15 -12.14
N ALA A 408 16.47 -23.82 -12.20
CA ALA A 408 17.26 -23.03 -11.25
C ALA A 408 16.80 -23.14 -9.81
N THR A 409 15.49 -23.02 -9.58
CA THR A 409 14.94 -23.07 -8.22
C THR A 409 15.28 -24.38 -7.50
N PRO A 410 14.92 -25.55 -8.08
CA PRO A 410 15.29 -26.79 -7.38
C PRO A 410 16.80 -27.03 -7.29
N ALA A 411 17.56 -26.58 -8.28
CA ALA A 411 19.03 -26.69 -8.23
C ALA A 411 19.59 -25.96 -7.01
N ALA A 412 19.10 -24.75 -6.75
CA ALA A 412 19.53 -24.00 -5.58
C ALA A 412 19.03 -24.62 -4.29
N LEU A 413 17.79 -25.11 -4.31
CA LEU A 413 17.22 -25.79 -3.12
C LEU A 413 18.02 -27.05 -2.79
N ASP A 414 18.46 -27.78 -3.82
CA ASP A 414 19.35 -28.93 -3.66
C ASP A 414 20.66 -28.55 -2.96
N ARG A 415 21.02 -27.26 -3.04
CA ARG A 415 22.23 -26.74 -2.43
CA ARG A 415 22.24 -26.73 -2.43
C ARG A 415 21.93 -25.97 -1.15
N GLY A 416 20.69 -26.09 -0.67
CA GLY A 416 20.25 -25.46 0.58
C GLY A 416 20.08 -23.94 0.55
N VAL A 417 19.68 -23.42 -0.62
CA VAL A 417 19.56 -21.98 -0.81
C VAL A 417 18.27 -21.66 -1.56
N TRP A 418 17.52 -20.68 -1.06
CA TRP A 418 16.39 -20.12 -1.78
C TRP A 418 16.84 -19.02 -2.69
N LEU A 419 16.79 -19.27 -3.99
CA LEU A 419 17.16 -18.31 -5.02
C LEU A 419 16.02 -18.16 -6.01
N ARG A 420 15.77 -16.93 -6.43
CA ARG A 420 14.76 -16.64 -7.43
CA ARG A 420 14.75 -16.65 -7.43
C ARG A 420 15.39 -15.80 -8.54
N PRO A 421 15.88 -16.46 -9.61
CA PRO A 421 16.38 -15.66 -10.72
C PRO A 421 15.24 -14.91 -11.42
N PHE A 422 15.57 -13.86 -12.15
CA PHE A 422 14.62 -13.30 -13.11
C PHE A 422 15.36 -12.92 -14.38
N ARG A 423 14.65 -12.99 -15.50
CA ARG A 423 15.25 -12.82 -16.83
CA ARG A 423 15.24 -12.83 -16.83
C ARG A 423 16.56 -13.61 -16.92
N ASN A 424 17.65 -12.94 -17.26
CA ASN A 424 18.95 -13.62 -17.40
C ASN A 424 19.86 -13.49 -16.17
N LEU A 425 19.27 -13.16 -15.03
CA LEU A 425 20.06 -12.80 -13.84
C LEU A 425 19.91 -13.80 -12.70
N VAL A 426 21.05 -14.28 -12.21
CA VAL A 426 21.11 -15.09 -10.99
C VAL A 426 21.72 -14.18 -9.93
N TYR A 427 20.93 -13.80 -8.94
CA TYR A 427 21.37 -12.77 -8.01
C TYR A 427 20.92 -13.03 -6.58
N ALA A 428 21.58 -12.36 -5.64
CA ALA A 428 21.21 -12.45 -4.24
C ALA A 428 21.36 -11.10 -3.58
N MET A 429 20.53 -10.87 -2.56
CA MET A 429 20.69 -9.74 -1.67
C MET A 429 20.43 -10.30 -0.28
N PRO A 430 21.47 -10.90 0.31
CA PRO A 430 21.28 -11.69 1.53
C PRO A 430 21.07 -10.86 2.78
N PRO A 431 20.47 -11.47 3.83
CA PRO A 431 20.36 -10.78 5.11
C PRO A 431 21.73 -10.37 5.65
N TYR A 432 21.78 -9.23 6.34
CA TYR A 432 23.04 -8.71 6.86
C TYR A 432 23.65 -9.62 7.92
N ILE A 433 22.80 -10.47 8.51
CA ILE A 433 23.23 -11.38 9.57
C ILE A 433 23.86 -12.68 9.08
N CYS A 434 23.93 -12.87 7.76
CA CYS A 434 24.58 -14.06 7.20
C CYS A 434 26.04 -14.12 7.60
N THR A 435 26.46 -15.28 8.08
CA THR A 435 27.86 -15.52 8.41
C THR A 435 28.68 -15.65 7.13
N PRO A 436 30.01 -15.48 7.20
CA PRO A 436 30.85 -15.71 6.03
C PRO A 436 30.61 -17.07 5.38
N ALA A 437 30.45 -18.13 6.19
CA ALA A 437 30.14 -19.47 5.68
C ALA A 437 28.80 -19.53 4.92
N GLU A 438 27.79 -18.84 5.44
CA GLU A 438 26.48 -18.78 4.79
C GLU A 438 26.52 -18.02 3.46
N ILE A 439 27.31 -16.95 3.41
CA ILE A 439 27.51 -16.19 2.17
C ILE A 439 28.15 -17.07 1.09
N THR A 440 29.15 -17.86 1.48
CA THR A 440 29.82 -18.72 0.51
CA THR A 440 29.83 -18.76 0.54
C THR A 440 28.90 -19.87 0.08
N GLN A 441 28.01 -20.32 0.97
CA GLN A 441 27.00 -21.31 0.59
C GLN A 441 26.05 -20.74 -0.47
N ILE A 442 25.65 -19.47 -0.28
CA ILE A 442 24.80 -18.76 -1.23
C ILE A 442 25.51 -18.61 -2.57
N THR A 443 26.74 -18.12 -2.56
CA THR A 443 27.47 -17.88 -3.82
C THR A 443 27.74 -19.19 -4.56
N SER A 444 28.03 -20.26 -3.80
CA SER A 444 28.26 -21.58 -4.41
CA SER A 444 28.26 -21.58 -4.41
C SER A 444 27.03 -22.08 -5.14
N ALA A 445 25.86 -21.88 -4.53
CA ALA A 445 24.59 -22.25 -5.16
C ALA A 445 24.35 -21.41 -6.42
N MET A 446 24.69 -20.13 -6.35
CA MET A 446 24.57 -19.24 -7.51
C MET A 446 25.44 -19.69 -8.67
N VAL A 447 26.69 -20.03 -8.36
CA VAL A 447 27.65 -20.51 -9.37
C VAL A 447 27.12 -21.81 -10.01
N GLU A 448 26.60 -22.71 -9.18
CA GLU A 448 26.06 -23.98 -9.67
C GLU A 448 24.81 -23.79 -10.54
N VAL A 449 23.97 -22.82 -10.19
CA VAL A 449 22.83 -22.45 -11.03
C VAL A 449 23.32 -21.94 -12.38
N ALA A 450 24.31 -21.04 -12.36
CA ALA A 450 24.90 -20.48 -13.57
C ALA A 450 25.55 -21.56 -14.46
N ARG A 451 26.17 -22.55 -13.81
CA ARG A 451 26.76 -23.68 -14.52
C ARG A 451 25.69 -24.49 -15.26
N LEU A 452 24.56 -24.71 -14.59
CA LEU A 452 23.44 -25.45 -15.18
C LEU A 452 22.77 -24.67 -16.33
N VAL A 453 22.75 -23.35 -16.22
CA VAL A 453 22.22 -22.49 -17.29
C VAL A 453 22.95 -22.76 -18.60
N GLY A 454 24.28 -22.90 -18.52
CA GLY A 454 25.12 -23.22 -19.68
C GLY A 454 25.13 -24.69 -20.08
N SER A 455 24.32 -25.51 -19.40
CA SER A 455 24.20 -26.93 -19.71
C SER A 455 22.94 -27.20 -20.54
N LEU B 28 9.71 9.40 24.10
CA LEU B 28 9.28 10.83 24.04
C LEU B 28 8.06 11.08 24.90
N THR B 29 8.04 12.24 25.56
CA THR B 29 6.88 12.73 26.30
C THR B 29 5.84 13.26 25.32
N PRO B 30 4.57 13.42 25.76
CA PRO B 30 3.57 14.02 24.87
C PRO B 30 4.00 15.39 24.31
N GLU B 31 4.61 16.24 25.13
CA GLU B 31 5.12 17.53 24.65
C GLU B 31 6.20 17.37 23.56
N GLN B 32 7.11 16.42 23.78
CA GLN B 32 8.15 16.12 22.80
C GLN B 32 7.59 15.55 21.50
N ILE B 33 6.56 14.69 21.63
CA ILE B 33 5.86 14.14 20.47
C ILE B 33 5.25 15.26 19.64
N ILE B 34 4.59 16.21 20.30
CA ILE B 34 3.99 17.36 19.62
C ILE B 34 5.03 18.19 18.86
N ALA B 35 6.19 18.42 19.48
CA ALA B 35 7.26 19.18 18.84
C ALA B 35 7.82 18.49 17.60
N VAL B 36 8.11 17.20 17.71
CA VAL B 36 8.58 16.40 16.58
C VAL B 36 7.52 16.38 15.48
N ASP B 37 6.28 16.09 15.86
CA ASP B 37 5.17 16.01 14.94
C ASP B 37 4.95 17.30 14.15
N GLY B 38 4.97 18.43 14.84
CA GLY B 38 4.76 19.73 14.20
C GLY B 38 5.83 20.04 13.17
N ALA B 39 7.06 19.64 13.44
CA ALA B 39 8.17 19.92 12.55
C ALA B 39 8.27 18.94 11.38
N HIS B 40 7.93 17.67 11.63
CA HIS B 40 8.34 16.60 10.72
C HIS B 40 7.28 15.69 10.15
N LEU B 41 6.06 15.70 10.71
CA LEU B 41 5.06 14.71 10.30
C LEU B 41 3.90 15.26 9.49
N TRP B 42 3.74 14.72 8.28
CA TRP B 42 2.50 14.89 7.51
C TRP B 42 1.41 14.06 8.11
N HIS B 43 0.17 14.55 8.01
CA HIS B 43 -1.02 13.81 8.41
C HIS B 43 -1.93 13.70 7.21
N PRO B 44 -3.04 12.93 7.31
CA PRO B 44 -3.91 12.82 6.12
C PRO B 44 -4.45 14.18 5.68
N TYR B 45 -4.23 14.51 4.41
CA TYR B 45 -4.77 15.75 3.83
C TYR B 45 -4.45 16.98 4.69
N SER B 46 -3.20 17.06 5.11
CA SER B 46 -2.75 18.09 6.04
C SER B 46 -1.64 18.95 5.46
N SER B 47 -1.27 19.98 6.21
CA SER B 47 -0.15 20.84 5.88
C SER B 47 1.03 20.48 6.76
N ILE B 48 2.17 21.11 6.49
CA ILE B 48 3.25 21.19 7.46
C ILE B 48 3.32 22.66 7.86
N GLY B 49 3.15 22.92 9.16
CA GLY B 49 3.35 24.27 9.70
C GLY B 49 2.16 25.22 9.60
N ARG B 50 1.03 24.73 9.09
CA ARG B 50 -0.16 25.57 8.92
C ARG B 50 -1.43 24.92 9.48
N GLU B 51 -1.26 23.98 10.39
CA GLU B 51 -2.40 23.30 11.02
C GLU B 51 -3.12 24.24 11.98
N ALA B 52 -4.45 24.29 11.86
CA ALA B 52 -5.28 25.13 12.71
C ALA B 52 -5.18 24.69 14.18
N VAL B 53 -5.18 23.38 14.40
CA VAL B 53 -5.06 22.80 15.73
C VAL B 53 -4.04 21.66 15.67
N SER B 54 -3.17 21.58 16.67
CA SER B 54 -2.26 20.45 16.82
C SER B 54 -3.04 19.13 16.88
N PRO B 55 -2.46 18.03 16.38
CA PRO B 55 -3.09 16.73 16.63
C PRO B 55 -3.03 16.40 18.12
N VAL B 56 -3.94 15.54 18.55
CA VAL B 56 -3.99 15.08 19.93
C VAL B 56 -3.12 13.82 20.07
N VAL B 57 -2.27 13.78 21.08
CA VAL B 57 -1.41 12.62 21.31
C VAL B 57 -2.23 11.44 21.83
N ALA B 58 -2.19 10.34 21.11
CA ALA B 58 -2.79 9.08 21.54
C ALA B 58 -1.70 8.21 22.19
N VAL B 59 -1.97 7.71 23.38
CA VAL B 59 -0.97 6.92 24.13
C VAL B 59 -1.37 5.46 24.36
N ALA B 60 -2.63 5.13 24.15
CA ALA B 60 -3.11 3.76 24.26
C ALA B 60 -4.44 3.58 23.53
N ALA B 61 -4.77 2.33 23.22
CA ALA B 61 -6.06 1.99 22.65
C ALA B 61 -6.44 0.59 23.10
N HIS B 62 -7.62 0.48 23.71
CA HIS B 62 -8.10 -0.80 24.24
C HIS B 62 -9.60 -0.88 24.10
N GLY B 63 -10.07 -1.96 23.49
CA GLY B 63 -11.49 -2.12 23.21
C GLY B 63 -12.00 -0.96 22.37
N ALA B 64 -13.09 -0.36 22.81
CA ALA B 64 -13.70 0.78 22.09
C ALA B 64 -13.10 2.13 22.49
N TRP B 65 -12.05 2.11 23.31
CA TRP B 65 -11.53 3.32 23.94
C TRP B 65 -10.13 3.68 23.56
N LEU B 66 -9.92 4.96 23.29
CA LEU B 66 -8.60 5.54 23.08
C LEU B 66 -8.19 6.30 24.32
N THR B 67 -6.90 6.24 24.67
CA THR B 67 -6.37 7.10 25.71
C THR B 67 -5.63 8.25 25.05
N LEU B 68 -6.14 9.46 25.26
CA LEU B 68 -5.60 10.66 24.63
C LEU B 68 -5.08 11.63 25.68
N ILE B 69 -4.11 12.45 25.29
CA ILE B 69 -3.54 13.44 26.20
C ILE B 69 -4.28 14.76 26.03
N ARG B 70 -4.89 15.21 27.12
CA ARG B 70 -5.63 16.46 27.14
C ARG B 70 -5.12 17.26 28.33
N ASP B 71 -4.54 18.43 28.02
CA ASP B 71 -3.85 19.27 29.01
C ASP B 71 -2.89 18.47 29.90
N GLY B 72 -2.04 17.69 29.25
CA GLY B 72 -0.99 16.92 29.92
C GLY B 72 -1.43 15.62 30.55
N GLN B 73 -2.74 15.36 30.55
CA GLN B 73 -3.31 14.22 31.27
C GLN B 73 -3.96 13.18 30.37
N PRO B 74 -3.79 11.89 30.70
CA PRO B 74 -4.41 10.83 29.91
C PRO B 74 -5.90 10.69 30.22
N ILE B 75 -6.72 10.77 29.18
CA ILE B 75 -8.17 10.61 29.31
C ILE B 75 -8.67 9.55 28.33
N GLU B 76 -9.60 8.72 28.77
CA GLU B 76 -10.18 7.68 27.91
C GLU B 76 -11.42 8.19 27.21
N VAL B 77 -11.42 8.08 25.88
CA VAL B 77 -12.56 8.50 25.06
C VAL B 77 -12.96 7.40 24.08
N LEU B 78 -14.24 7.38 23.72
CA LEU B 78 -14.75 6.38 22.79
C LEU B 78 -14.29 6.65 21.36
N ASP B 79 -13.77 5.61 20.71
CA ASP B 79 -13.36 5.67 19.31
C ASP B 79 -14.59 5.52 18.42
N ALA B 80 -15.35 6.61 18.30
CA ALA B 80 -16.62 6.59 17.57
C ALA B 80 -16.44 6.35 16.08
N MET B 81 -15.24 6.62 15.58
CA MET B 81 -14.91 6.50 14.17
C MET B 81 -14.33 5.13 13.80
N SER B 82 -14.20 4.26 14.80
CA SER B 82 -13.46 3.00 14.67
C SER B 82 -12.10 3.22 14.02
N SER B 83 -11.45 4.34 14.35
CA SER B 83 -10.16 4.67 13.77
C SER B 83 -10.23 4.54 12.24
N TRP B 84 -11.20 5.27 11.66
CA TRP B 84 -11.41 5.32 10.21
C TRP B 84 -11.84 4.00 9.64
N TRP B 85 -12.92 3.45 10.21
CA TRP B 85 -13.57 2.19 9.77
C TRP B 85 -12.85 0.92 10.13
N THR B 86 -11.68 1.02 10.76
CA THR B 86 -10.80 -0.16 10.87
C THR B 86 -11.10 -1.07 12.07
N ALA B 87 -11.41 -0.46 13.21
CA ALA B 87 -11.43 -1.17 14.49
C ALA B 87 -12.76 -1.85 14.82
N ILE B 88 -13.19 -2.77 13.94
CA ILE B 88 -14.52 -3.38 14.08
C ILE B 88 -14.72 -4.21 15.36
N HIS B 89 -13.66 -4.86 15.83
CA HIS B 89 -13.73 -5.65 17.07
C HIS B 89 -13.14 -4.89 18.23
N GLY B 90 -12.91 -3.60 18.05
CA GLY B 90 -12.18 -2.81 19.04
C GLY B 90 -10.68 -3.07 19.02
N HIS B 91 -9.93 -2.23 19.72
CA HIS B 91 -8.47 -2.34 19.78
C HIS B 91 -8.05 -3.39 20.76
N GLY B 92 -6.93 -4.05 20.49
CA GLY B 92 -6.36 -5.01 21.44
C GLY B 92 -7.31 -6.11 21.85
N HIS B 93 -8.08 -6.64 20.90
CA HIS B 93 -8.92 -7.80 21.14
C HIS B 93 -8.03 -8.98 21.42
N PRO B 94 -8.27 -9.69 22.53
CA PRO B 94 -7.38 -10.81 22.91
C PRO B 94 -7.17 -11.86 21.82
N ALA B 95 -8.23 -12.20 21.08
CA ALA B 95 -8.11 -13.19 20.00
C ALA B 95 -7.21 -12.70 18.87
N LEU B 96 -7.30 -11.40 18.58
CA LEU B 96 -6.54 -10.83 17.47
C LEU B 96 -5.08 -10.58 17.87
N ASP B 97 -4.86 -10.08 19.08
CA ASP B 97 -3.53 -10.00 19.67
C ASP B 97 -2.85 -11.36 19.65
N GLN B 98 -3.58 -12.39 20.07
CA GLN B 98 -3.06 -13.76 20.13
C GLN B 98 -2.69 -14.29 18.75
N ALA B 99 -3.54 -14.05 17.75
CA ALA B 99 -3.28 -14.48 16.38
C ALA B 99 -1.97 -13.91 15.85
N LEU B 100 -1.74 -12.62 16.10
CA LEU B 100 -0.51 -11.96 15.67
C LEU B 100 0.71 -12.56 16.36
N THR B 101 0.64 -12.68 17.69
CA THR B 101 1.75 -13.22 18.47
CA THR B 101 1.72 -13.23 18.50
C THR B 101 2.06 -14.67 18.09
N THR B 102 1.02 -15.45 17.80
CA THR B 102 1.19 -16.85 17.38
C THR B 102 1.95 -16.93 16.05
N GLN B 103 1.56 -16.09 15.09
CA GLN B 103 2.21 -16.12 13.78
C GLN B 103 3.65 -15.60 13.86
N LEU B 104 3.87 -14.63 14.73
CA LEU B 104 5.18 -14.02 14.91
C LEU B 104 6.23 -15.07 15.30
N ARG B 105 5.81 -16.07 16.07
CA ARG B 105 6.71 -17.11 16.55
C ARG B 105 7.09 -18.13 15.49
N VAL B 106 6.35 -18.15 14.38
CA VAL B 106 6.61 -19.13 13.34
CA VAL B 106 6.52 -19.13 13.31
C VAL B 106 7.21 -18.53 12.07
N MET B 107 6.64 -17.43 11.57
CA MET B 107 7.08 -16.83 10.31
C MET B 107 6.50 -15.43 10.15
N ASN B 108 7.37 -14.43 10.25
CA ASN B 108 6.93 -13.03 10.12
C ASN B 108 6.47 -12.73 8.70
N HIS B 109 7.26 -13.18 7.73
CA HIS B 109 7.05 -12.87 6.32
C HIS B 109 7.99 -13.67 5.47
N VAL B 110 7.48 -14.08 4.31
CA VAL B 110 8.33 -14.58 3.23
C VAL B 110 7.81 -13.97 1.95
N MET B 111 8.67 -13.86 0.93
CA MET B 111 8.24 -13.36 -0.37
C MET B 111 7.21 -14.28 -1.03
N PHE B 112 6.22 -13.70 -1.68
CA PHE B 112 5.15 -14.48 -2.29
C PHE B 112 5.50 -14.90 -3.72
N GLY B 113 6.65 -14.46 -4.20
CA GLY B 113 7.16 -14.91 -5.50
C GLY B 113 7.79 -16.28 -5.40
N GLY B 114 7.03 -17.30 -5.80
CA GLY B 114 7.54 -18.67 -5.83
C GLY B 114 7.29 -19.46 -4.55
N LEU B 115 6.73 -18.80 -3.55
CA LEU B 115 6.39 -19.41 -2.28
C LEU B 115 4.93 -19.17 -1.94
N THR B 116 4.35 -20.09 -1.18
CA THR B 116 3.04 -19.87 -0.59
C THR B 116 3.05 -20.29 0.88
N HIS B 117 1.96 -20.02 1.58
CA HIS B 117 1.92 -20.30 3.03
C HIS B 117 0.51 -20.41 3.55
N GLU B 118 0.41 -20.92 4.78
CA GLU B 118 -0.89 -21.21 5.39
C GLU B 118 -1.77 -19.98 5.64
N PRO B 119 -1.22 -18.88 6.19
CA PRO B 119 -2.09 -17.72 6.37
C PRO B 119 -2.73 -17.20 5.07
N ALA B 120 -1.98 -17.18 3.97
CA ALA B 120 -2.55 -16.77 2.68
C ALA B 120 -3.63 -17.73 2.21
N ALA B 121 -3.37 -19.03 2.31
CA ALA B 121 -4.32 -20.04 1.88
C ALA B 121 -5.60 -20.01 2.71
N ARG B 122 -5.43 -19.89 4.03
CA ARG B 122 -6.57 -19.82 4.94
C ARG B 122 -7.44 -18.59 4.65
N LEU B 123 -6.78 -17.45 4.46
CA LEU B 123 -7.53 -16.21 4.23
C LEU B 123 -8.22 -16.22 2.88
N ALA B 124 -7.53 -16.69 1.85
CA ALA B 124 -8.08 -16.76 0.50
C ALA B 124 -9.32 -17.65 0.49
N LYS B 125 -9.22 -18.81 1.15
CA LYS B 125 -10.35 -19.73 1.24
C LYS B 125 -11.55 -19.08 1.94
N LEU B 126 -11.29 -18.42 3.07
CA LEU B 126 -12.34 -17.71 3.80
C LEU B 126 -13.01 -16.65 2.92
N LEU B 127 -12.20 -15.83 2.27
CA LEU B 127 -12.72 -14.72 1.47
C LEU B 127 -13.53 -15.18 0.25
N VAL B 128 -13.08 -16.24 -0.44
CA VAL B 128 -13.83 -16.80 -1.57
CA VAL B 128 -13.85 -16.75 -1.58
C VAL B 128 -15.18 -17.35 -1.10
N ASP B 129 -15.18 -17.92 0.11
CA ASP B 129 -16.40 -18.51 0.68
C ASP B 129 -17.45 -17.49 1.09
N ILE B 130 -17.03 -16.37 1.67
CA ILE B 130 -17.95 -15.42 2.29
C ILE B 130 -18.38 -14.24 1.41
N THR B 131 -17.62 -13.97 0.36
CA THR B 131 -17.93 -12.90 -0.57
C THR B 131 -19.04 -13.32 -1.53
N PRO B 132 -19.68 -12.35 -2.22
CA PRO B 132 -20.71 -12.69 -3.19
C PRO B 132 -20.30 -13.79 -4.17
N ALA B 133 -21.26 -14.62 -4.56
CA ALA B 133 -20.99 -15.80 -5.38
C ALA B 133 -20.22 -15.50 -6.66
N GLY B 134 -19.27 -16.36 -6.99
CA GLY B 134 -18.51 -16.23 -8.23
C GLY B 134 -17.13 -15.62 -8.12
N LEU B 135 -16.84 -15.01 -6.98
CA LEU B 135 -15.53 -14.40 -6.76
C LEU B 135 -14.57 -15.46 -6.24
N ASP B 136 -13.78 -16.01 -7.16
CA ASP B 136 -13.04 -17.26 -6.96
C ASP B 136 -11.53 -17.09 -6.76
N THR B 137 -11.00 -15.91 -7.05
CA THR B 137 -9.55 -15.69 -6.94
C THR B 137 -9.28 -14.42 -6.13
N VAL B 138 -8.13 -14.40 -5.47
CA VAL B 138 -7.81 -13.36 -4.50
C VAL B 138 -6.40 -12.83 -4.74
N PHE B 139 -6.31 -11.52 -4.97
CA PHE B 139 -5.03 -10.82 -5.12
C PHE B 139 -4.81 -9.95 -3.88
N PHE B 140 -3.82 -10.30 -3.07
CA PHE B 140 -3.53 -9.52 -1.87
C PHE B 140 -2.63 -8.33 -2.16
N SER B 141 -2.98 -7.19 -1.56
CA SER B 141 -2.10 -6.02 -1.61
C SER B 141 -2.05 -5.35 -0.24
N ASP B 142 -1.47 -4.16 -0.19
CA ASP B 142 -1.21 -3.60 1.12
CA ASP B 142 -1.08 -3.48 1.03
C ASP B 142 -2.08 -2.41 1.50
N SER B 143 -2.96 -1.97 0.59
CA SER B 143 -3.88 -0.88 0.90
C SER B 143 -5.05 -0.82 -0.08
N GLY B 144 -6.10 -0.11 0.34
CA GLY B 144 -7.30 0.03 -0.46
C GLY B 144 -7.05 0.66 -1.81
N SER B 145 -6.25 1.73 -1.84
CA SER B 145 -5.94 2.40 -3.10
C SER B 145 -5.26 1.46 -4.08
N VAL B 146 -4.29 0.69 -3.59
CA VAL B 146 -3.62 -0.29 -4.45
C VAL B 146 -4.62 -1.34 -4.95
N SER B 147 -5.49 -1.80 -4.06
CA SER B 147 -6.47 -2.81 -4.44
CA SER B 147 -6.51 -2.79 -4.41
C SER B 147 -7.39 -2.30 -5.55
N VAL B 148 -7.68 -1.01 -5.53
CA VAL B 148 -8.49 -0.38 -6.58
C VAL B 148 -7.72 -0.34 -7.91
N GLU B 149 -6.42 -0.03 -7.84
CA GLU B 149 -5.61 -0.02 -9.04
C GLU B 149 -5.43 -1.43 -9.62
N VAL B 150 -5.33 -2.43 -8.74
CA VAL B 150 -5.31 -3.82 -9.17
C VAL B 150 -6.62 -4.19 -9.88
N ALA B 151 -7.74 -3.74 -9.31
CA ALA B 151 -9.06 -3.98 -9.91
C ALA B 151 -9.14 -3.39 -11.31
N ALA B 152 -8.68 -2.16 -11.47
CA ALA B 152 -8.68 -1.51 -12.78
C ALA B 152 -7.76 -2.25 -13.75
N LYS B 153 -6.61 -2.69 -13.25
CA LYS B 153 -5.65 -3.43 -14.06
C LYS B 153 -6.24 -4.76 -14.54
N MET B 154 -6.95 -5.45 -13.64
CA MET B 154 -7.67 -6.66 -13.99
C MET B 154 -8.66 -6.39 -15.12
N ALA B 155 -9.45 -5.32 -14.96
CA ALA B 155 -10.44 -4.94 -15.96
C ALA B 155 -9.81 -4.62 -17.32
N LEU B 156 -8.76 -3.81 -17.32
CA LEU B 156 -8.09 -3.43 -18.56
C LEU B 156 -7.40 -4.62 -19.23
N GLN B 157 -6.74 -5.47 -18.45
CA GLN B 157 -6.09 -6.67 -19.01
C GLN B 157 -7.13 -7.68 -19.50
N TYR B 158 -8.28 -7.71 -18.85
CA TYR B 158 -9.38 -8.57 -19.28
C TYR B 158 -9.78 -8.25 -20.72
N TRP B 159 -10.06 -6.98 -20.99
CA TRP B 159 -10.53 -6.59 -22.32
C TRP B 159 -9.46 -6.67 -23.38
N ARG B 160 -8.23 -6.41 -22.98
CA ARG B 160 -7.09 -6.60 -23.88
C ARG B 160 -6.91 -8.09 -24.22
N GLY B 161 -7.24 -8.96 -23.26
CA GLY B 161 -7.28 -10.41 -23.50
C GLY B 161 -8.47 -10.87 -24.31
N ARG B 162 -9.41 -9.96 -24.59
CA ARG B 162 -10.57 -10.24 -25.44
C ARG B 162 -10.42 -9.53 -26.79
N GLY B 163 -9.25 -8.95 -27.04
CA GLY B 163 -8.98 -8.20 -28.27
C GLY B 163 -9.69 -6.87 -28.37
N LEU B 164 -9.98 -6.26 -27.22
CA LEU B 164 -10.69 -4.98 -27.18
C LEU B 164 -9.97 -3.92 -26.34
N PRO B 165 -8.80 -3.43 -26.81
CA PRO B 165 -8.01 -2.48 -26.03
C PRO B 165 -8.64 -1.10 -25.91
N GLY B 166 -9.65 -0.83 -26.74
CA GLY B 166 -10.41 0.42 -26.66
C GLY B 166 -11.22 0.53 -25.38
N LYS B 167 -11.56 -0.61 -24.79
CA LYS B 167 -12.29 -0.63 -23.52
C LYS B 167 -11.32 -0.42 -22.37
N ARG B 168 -11.05 0.85 -22.08
CA ARG B 168 -10.00 1.24 -21.14
C ARG B 168 -10.40 2.37 -20.20
N ARG B 169 -11.61 2.90 -20.37
CA ARG B 169 -12.09 3.95 -19.47
C ARG B 169 -12.95 3.34 -18.37
N LEU B 170 -13.17 4.12 -17.31
CA LEU B 170 -14.02 3.69 -16.21
C LEU B 170 -15.22 4.62 -16.11
N MET B 171 -16.33 4.05 -15.67
CA MET B 171 -17.53 4.83 -15.40
C MET B 171 -17.93 4.68 -13.94
N THR B 172 -18.38 5.78 -13.34
CA THR B 172 -18.91 5.74 -11.98
C THR B 172 -20.01 6.78 -11.82
N TRP B 173 -20.64 6.79 -10.66
CA TRP B 173 -21.52 7.89 -10.29
C TRP B 173 -20.81 8.83 -9.37
N ARG B 174 -21.28 10.08 -9.33
CA ARG B 174 -20.68 11.09 -8.48
C ARG B 174 -20.89 10.76 -7.00
N GLY B 175 -20.11 11.42 -6.14
CA GLY B 175 -20.19 11.23 -4.70
C GLY B 175 -19.28 10.15 -4.15
N GLY B 176 -18.51 9.51 -5.02
CA GLY B 176 -17.71 8.36 -4.64
C GLY B 176 -16.31 8.67 -4.16
N TYR B 177 -15.71 7.69 -3.50
CA TYR B 177 -14.31 7.75 -3.09
C TYR B 177 -13.67 6.38 -3.29
N HIS B 178 -12.50 6.36 -3.92
CA HIS B 178 -11.82 5.10 -4.23
C HIS B 178 -10.35 5.08 -3.91
N GLY B 179 -9.87 6.10 -3.23
CA GLY B 179 -8.46 6.14 -2.86
C GLY B 179 -7.69 7.31 -3.42
N ASP B 180 -6.38 7.36 -3.13
CA ASP B 180 -5.56 8.55 -3.37
C ASP B 180 -4.46 8.39 -4.41
N THR B 181 -4.21 7.17 -4.85
CA THR B 181 -3.28 6.97 -5.95
C THR B 181 -3.93 7.55 -7.21
N PHE B 182 -3.13 7.85 -8.23
CA PHE B 182 -3.62 8.65 -9.36
C PHE B 182 -4.76 8.06 -10.19
N LEU B 183 -4.81 6.74 -10.39
CA LEU B 183 -5.94 6.12 -11.06
CA LEU B 183 -5.96 6.15 -11.07
C LEU B 183 -7.18 6.17 -10.15
N ALA B 184 -6.99 5.81 -8.88
CA ALA B 184 -8.08 5.86 -7.91
C ALA B 184 -8.69 7.27 -7.83
N MET B 185 -7.84 8.30 -7.88
CA MET B 185 -8.29 9.70 -7.88
C MET B 185 -9.25 10.00 -9.02
N SER B 186 -9.01 9.39 -10.17
CA SER B 186 -9.74 9.72 -11.40
C SER B 186 -11.22 9.34 -11.32
N ILE B 187 -11.56 8.43 -10.41
CA ILE B 187 -12.96 8.01 -10.23
C ILE B 187 -13.57 8.50 -8.91
N CYS B 188 -12.80 9.24 -8.13
CA CYS B 188 -13.34 9.93 -6.96
C CYS B 188 -14.26 11.07 -7.39
N ASP B 189 -15.18 11.45 -6.53
CA ASP B 189 -16.04 12.61 -6.78
C ASP B 189 -15.19 13.80 -7.22
N PRO B 190 -15.56 14.46 -8.34
CA PRO B 190 -14.77 15.60 -8.79
C PRO B 190 -14.64 16.75 -7.78
N HIS B 191 -15.67 16.97 -6.95
CA HIS B 191 -15.59 18.01 -5.91
C HIS B 191 -14.79 17.59 -4.72
N GLY B 192 -15.16 16.46 -4.13
CA GLY B 192 -14.45 15.93 -2.97
C GLY B 192 -12.99 15.69 -3.30
N GLY B 193 -12.75 15.20 -4.51
CA GLY B 193 -11.40 14.85 -4.96
C GLY B 193 -10.60 15.99 -5.55
N MET B 194 -11.16 17.20 -5.49
CA MET B 194 -10.47 18.42 -5.93
C MET B 194 -9.90 18.31 -7.35
N HIS B 195 -10.72 17.83 -8.27
CA HIS B 195 -10.27 17.59 -9.65
C HIS B 195 -9.83 18.84 -10.37
N SER B 196 -10.36 20.00 -9.97
CA SER B 196 -9.98 21.27 -10.59
C SER B 196 -8.54 21.67 -10.30
N LEU B 197 -7.93 21.05 -9.30
CA LEU B 197 -6.53 21.28 -8.97
C LEU B 197 -5.63 20.30 -9.72
N TRP B 198 -6.26 19.38 -10.43
CA TRP B 198 -5.56 18.30 -11.13
C TRP B 198 -5.79 18.33 -12.62
N THR B 199 -6.14 19.51 -13.14
CA THR B 199 -6.37 19.71 -14.56
C THR B 199 -5.16 19.23 -15.38
N ASP B 200 -5.44 18.39 -16.38
CA ASP B 200 -4.43 17.84 -17.31
C ASP B 200 -3.56 16.74 -16.71
N VAL B 201 -3.89 16.27 -15.50
CA VAL B 201 -3.10 15.23 -14.83
C VAL B 201 -3.85 13.89 -14.77
N LEU B 202 -5.13 13.93 -14.45
CA LEU B 202 -5.92 12.72 -14.22
C LEU B 202 -6.49 12.14 -15.51
N ALA B 203 -6.65 10.81 -15.52
CA ALA B 203 -7.42 10.14 -16.58
C ALA B 203 -8.83 10.71 -16.59
N ALA B 204 -9.38 10.91 -17.78
CA ALA B 204 -10.74 11.42 -17.93
C ALA B 204 -11.72 10.25 -17.94
N GLN B 205 -12.56 10.19 -16.90
CA GLN B 205 -13.50 9.09 -16.74
C GLN B 205 -14.93 9.54 -16.97
N VAL B 206 -15.85 8.59 -17.01
CA VAL B 206 -17.26 8.88 -17.26
C VAL B 206 -18.01 8.96 -15.94
N PHE B 207 -18.59 10.13 -15.66
CA PHE B 207 -19.37 10.32 -14.44
C PHE B 207 -20.86 10.46 -14.71
N ALA B 208 -21.64 9.58 -14.09
CA ALA B 208 -23.09 9.74 -14.01
C ALA B 208 -23.41 10.67 -12.84
N PRO B 209 -24.63 11.24 -12.82
CA PRO B 209 -24.99 12.10 -11.69
C PRO B 209 -25.00 11.36 -10.35
N GLN B 210 -25.00 12.14 -9.27
CA GLN B 210 -25.09 11.60 -7.93
C GLN B 210 -26.25 10.61 -7.82
N VAL B 211 -25.96 9.40 -7.38
CA VAL B 211 -27.01 8.40 -7.14
C VAL B 211 -27.91 8.86 -5.98
N PRO B 212 -29.24 8.87 -6.19
CA PRO B 212 -30.14 9.35 -5.15
C PRO B 212 -30.30 8.36 -4.00
N ARG B 213 -30.84 8.83 -2.88
CA ARG B 213 -31.16 7.96 -1.75
C ARG B 213 -32.29 6.99 -2.10
N ASP B 214 -33.42 7.53 -2.54
CA ASP B 214 -34.60 6.74 -2.84
C ASP B 214 -34.52 6.16 -4.24
N TYR B 215 -35.09 4.96 -4.41
CA TYR B 215 -35.03 4.29 -5.71
C TYR B 215 -35.94 4.95 -6.73
N ASP B 216 -35.34 5.33 -7.86
CA ASP B 216 -36.04 5.93 -8.99
C ASP B 216 -35.54 5.25 -10.26
N PRO B 217 -36.40 4.45 -10.92
CA PRO B 217 -36.02 3.71 -12.13
C PRO B 217 -35.50 4.63 -13.24
N ALA B 218 -35.93 5.89 -13.22
CA ALA B 218 -35.48 6.89 -14.20
C ALA B 218 -33.99 7.17 -14.08
N TYR B 219 -33.47 7.12 -12.85
CA TYR B 219 -32.04 7.31 -12.65
C TYR B 219 -31.26 6.19 -13.35
N SER B 220 -31.69 4.95 -13.12
CA SER B 220 -31.05 3.78 -13.73
C SER B 220 -31.16 3.78 -15.24
N ALA B 221 -32.32 4.21 -15.77
CA ALA B 221 -32.50 4.31 -17.21
C ALA B 221 -31.55 5.34 -17.82
N ALA B 222 -31.37 6.47 -17.13
CA ALA B 222 -30.43 7.50 -17.56
C ALA B 222 -28.97 7.00 -17.48
N PHE B 223 -28.64 6.29 -16.40
CA PHE B 223 -27.32 5.68 -16.26
C PHE B 223 -27.03 4.75 -17.43
N GLU B 224 -28.00 3.91 -17.76
CA GLU B 224 -27.90 2.95 -18.87
C GLU B 224 -27.65 3.65 -20.21
N ALA B 225 -28.44 4.67 -20.48
CA ALA B 225 -28.30 5.42 -21.73
C ALA B 225 -26.93 6.06 -21.85
N GLN B 226 -26.42 6.61 -20.75
CA GLN B 226 -25.09 7.22 -20.74
C GLN B 226 -24.00 6.17 -20.95
N LEU B 227 -24.12 5.04 -20.25
CA LEU B 227 -23.18 3.93 -20.42
C LEU B 227 -23.21 3.40 -21.85
N ALA B 228 -24.40 3.24 -22.41
CA ALA B 228 -24.57 2.69 -23.76
C ALA B 228 -23.76 3.47 -24.79
N GLN B 229 -23.73 4.79 -24.65
CA GLN B 229 -23.00 5.68 -25.55
C GLN B 229 -21.49 5.47 -25.46
N HIS B 230 -21.04 5.02 -24.29
CA HIS B 230 -19.62 4.88 -24.01
C HIS B 230 -19.17 3.44 -23.95
N ALA B 231 -20.08 2.49 -24.18
CA ALA B 231 -19.80 1.08 -23.91
C ALA B 231 -18.53 0.57 -24.58
N GLY B 232 -18.28 1.03 -25.82
CA GLY B 232 -17.13 0.59 -26.60
C GLY B 232 -15.79 1.07 -26.08
N GLU B 233 -15.80 2.06 -25.19
CA GLU B 233 -14.56 2.54 -24.58
C GLU B 233 -14.49 2.29 -23.07
N LEU B 234 -15.49 1.59 -22.52
CA LEU B 234 -15.53 1.33 -21.08
C LEU B 234 -15.08 -0.08 -20.70
N ALA B 235 -14.09 -0.14 -19.83
CA ALA B 235 -13.66 -1.41 -19.24
C ALA B 235 -14.59 -1.84 -18.11
N ALA B 236 -14.99 -0.87 -17.30
CA ALA B 236 -15.71 -1.18 -16.06
C ALA B 236 -16.51 -0.02 -15.52
N VAL B 237 -17.56 -0.38 -14.80
CA VAL B 237 -18.25 0.51 -13.86
C VAL B 237 -17.68 0.19 -12.49
N VAL B 238 -17.30 1.24 -11.74
CA VAL B 238 -16.75 1.08 -10.40
C VAL B 238 -17.56 1.94 -9.45
N VAL B 239 -18.14 1.33 -8.42
CA VAL B 239 -18.94 2.05 -7.44
C VAL B 239 -18.73 1.47 -6.03
N GLU B 240 -19.01 2.30 -5.02
CA GLU B 240 -19.20 1.84 -3.65
C GLU B 240 -20.66 1.38 -3.51
N PRO B 241 -20.88 0.14 -3.07
CA PRO B 241 -22.27 -0.35 -2.94
C PRO B 241 -22.96 0.10 -1.65
N VAL B 242 -24.17 0.66 -1.83
CA VAL B 242 -25.08 1.08 -0.74
C VAL B 242 -24.64 2.35 0.01
N VAL B 243 -23.39 2.37 0.47
CA VAL B 243 -22.87 3.50 1.23
C VAL B 243 -21.67 4.12 0.53
N GLN B 244 -21.74 5.43 0.28
CA GLN B 244 -20.59 6.20 -0.18
C GLN B 244 -19.97 6.88 1.03
N GLY B 245 -18.70 6.59 1.28
CA GLY B 245 -18.02 7.03 2.50
C GLY B 245 -17.44 8.42 2.44
N ALA B 246 -16.15 8.52 2.07
CA ALA B 246 -15.43 9.79 2.16
C ALA B 246 -15.99 10.89 1.26
N GLY B 247 -16.73 10.49 0.23
CA GLY B 247 -17.33 11.44 -0.71
C GLY B 247 -18.58 12.13 -0.18
N GLY B 248 -19.07 11.71 0.99
CA GLY B 248 -20.21 12.40 1.60
C GLY B 248 -21.13 11.62 2.53
N MET B 249 -20.74 10.41 2.91
CA MET B 249 -21.54 9.57 3.83
C MET B 249 -23.02 9.50 3.38
N ARG B 250 -23.21 9.22 2.10
CA ARG B 250 -24.54 9.12 1.50
C ARG B 250 -24.94 7.67 1.34
N PHE B 251 -26.22 7.37 1.54
CA PHE B 251 -26.75 6.04 1.34
C PHE B 251 -27.64 6.03 0.09
N HIS B 252 -27.67 4.90 -0.61
CA HIS B 252 -28.57 4.74 -1.74
C HIS B 252 -29.23 3.40 -1.71
N ASP B 253 -30.42 3.32 -2.32
CA ASP B 253 -31.19 2.08 -2.36
C ASP B 253 -30.39 0.97 -3.04
N PRO B 254 -30.33 -0.22 -2.39
CA PRO B 254 -29.61 -1.37 -2.97
C PRO B 254 -30.07 -1.79 -4.37
N ARG B 255 -31.31 -1.47 -4.74
CA ARG B 255 -31.86 -1.84 -6.04
CA ARG B 255 -31.85 -1.85 -6.04
C ARG B 255 -31.07 -1.22 -7.19
N TYR B 256 -30.43 -0.08 -6.93
CA TYR B 256 -29.58 0.56 -7.94
C TYR B 256 -28.44 -0.37 -8.35
N LEU B 257 -27.95 -1.18 -7.41
CA LEU B 257 -26.86 -2.11 -7.70
C LEU B 257 -27.35 -3.28 -8.54
N HIS B 258 -28.59 -3.68 -8.31
CA HIS B 258 -29.25 -4.68 -9.15
C HIS B 258 -29.31 -4.20 -10.57
N ASP B 259 -29.67 -2.93 -10.74
CA ASP B 259 -29.72 -2.32 -12.06
C ASP B 259 -28.34 -2.26 -12.71
N LEU B 260 -27.33 -1.89 -11.94
CA LEU B 260 -25.97 -1.84 -12.47
C LEU B 260 -25.50 -3.19 -12.98
N ARG B 261 -25.79 -4.24 -12.22
CA ARG B 261 -25.44 -5.60 -12.63
C ARG B 261 -26.08 -5.96 -13.97
N ASP B 262 -27.36 -5.61 -14.10
CA ASP B 262 -28.12 -5.84 -15.32
C ASP B 262 -27.56 -5.06 -16.51
N ILE B 263 -27.35 -3.76 -16.31
CA ILE B 263 -26.79 -2.89 -17.35
C ILE B 263 -25.43 -3.40 -17.84
N CYS B 264 -24.56 -3.70 -16.88
CA CYS B 264 -23.21 -4.17 -17.19
C CYS B 264 -23.22 -5.49 -17.96
N ARG B 265 -24.09 -6.41 -17.55
CA ARG B 265 -24.30 -7.67 -18.25
C ARG B 265 -24.70 -7.44 -19.71
N ARG B 266 -25.72 -6.61 -19.92
CA ARG B 266 -26.28 -6.42 -21.26
C ARG B 266 -25.37 -5.65 -22.20
N TYR B 267 -24.56 -4.74 -21.66
CA TYR B 267 -23.69 -3.92 -22.48
C TYR B 267 -22.22 -4.34 -22.47
N GLU B 268 -21.95 -5.48 -21.82
CA GLU B 268 -20.60 -6.07 -21.78
C GLU B 268 -19.57 -5.09 -21.21
N VAL B 269 -19.83 -4.66 -19.97
CA VAL B 269 -18.91 -3.83 -19.21
C VAL B 269 -18.76 -4.54 -17.87
N LEU B 270 -17.54 -4.65 -17.36
CA LEU B 270 -17.33 -5.29 -16.07
C LEU B 270 -17.88 -4.44 -14.92
N LEU B 271 -18.36 -5.11 -13.87
CA LEU B 271 -18.83 -4.41 -12.68
C LEU B 271 -17.86 -4.63 -11.52
N ILE B 272 -17.38 -3.51 -10.96
CA ILE B 272 -16.44 -3.54 -9.84
C ILE B 272 -17.10 -2.88 -8.62
N PHE B 273 -17.20 -3.62 -7.52
CA PHE B 273 -17.66 -3.05 -6.25
C PHE B 273 -16.47 -2.80 -5.33
N ASP B 274 -16.37 -1.56 -4.88
CA ASP B 274 -15.37 -1.16 -3.93
C ASP B 274 -15.99 -1.25 -2.53
N GLU B 275 -15.73 -2.37 -1.85
CA GLU B 275 -16.26 -2.59 -0.50
C GLU B 275 -15.20 -2.36 0.57
N ILE B 276 -14.25 -1.48 0.27
CA ILE B 276 -13.15 -1.20 1.20
C ILE B 276 -13.66 -0.60 2.51
N ALA B 277 -14.75 0.17 2.45
CA ALA B 277 -15.37 0.74 3.66
C ALA B 277 -16.59 -0.04 4.13
N THR B 278 -17.31 -0.65 3.19
CA THR B 278 -18.59 -1.31 3.50
C THR B 278 -18.46 -2.75 3.98
N GLY B 279 -17.32 -3.38 3.74
CA GLY B 279 -17.16 -4.82 3.98
C GLY B 279 -17.26 -5.27 5.43
N PHE B 280 -17.42 -6.58 5.60
CA PHE B 280 -17.35 -7.22 6.92
C PHE B 280 -18.38 -6.70 7.93
N GLY B 281 -19.63 -6.61 7.45
CA GLY B 281 -20.79 -6.41 8.32
C GLY B 281 -21.22 -4.97 8.57
N ARG B 282 -20.41 -4.01 8.14
CA ARG B 282 -20.60 -2.61 8.52
C ARG B 282 -21.99 -2.02 8.20
N THR B 283 -22.55 -2.42 7.06
CA THR B 283 -23.85 -1.88 6.62
C THR B 283 -25.04 -2.79 6.99
N GLY B 284 -24.80 -3.81 7.80
CA GLY B 284 -25.88 -4.71 8.23
C GLY B 284 -25.95 -6.02 7.46
N ALA B 285 -25.24 -6.08 6.34
CA ALA B 285 -25.03 -7.31 5.61
C ALA B 285 -23.54 -7.59 5.62
N LEU B 286 -23.15 -8.84 5.39
CA LEU B 286 -21.74 -9.19 5.47
C LEU B 286 -20.93 -8.36 4.47
N PHE B 287 -21.47 -8.25 3.26
CA PHE B 287 -20.97 -7.29 2.28
C PHE B 287 -22.16 -6.52 1.73
N ALA B 288 -21.97 -5.24 1.46
CA ALA B 288 -23.07 -4.38 1.05
C ALA B 288 -23.78 -4.90 -0.21
N ALA B 289 -23.04 -5.57 -1.08
CA ALA B 289 -23.60 -6.21 -2.27
C ALA B 289 -24.76 -7.16 -1.93
N ASP B 290 -24.67 -7.78 -0.76
CA ASP B 290 -25.68 -8.75 -0.31
C ASP B 290 -27.06 -8.13 -0.12
N HIS B 291 -27.11 -6.83 0.16
CA HIS B 291 -28.37 -6.09 0.23
C HIS B 291 -29.12 -6.10 -1.08
N ALA B 292 -28.39 -6.23 -2.18
CA ALA B 292 -28.98 -6.22 -3.52
C ALA B 292 -29.09 -7.62 -4.13
N GLY B 293 -28.37 -8.57 -3.53
CA GLY B 293 -28.34 -9.95 -4.03
C GLY B 293 -27.65 -10.09 -5.37
N VAL B 294 -26.62 -9.26 -5.58
CA VAL B 294 -25.85 -9.21 -6.81
CA VAL B 294 -25.85 -9.32 -6.82
C VAL B 294 -24.36 -9.49 -6.55
N SER B 295 -23.67 -10.06 -7.53
CA SER B 295 -22.23 -10.24 -7.47
C SER B 295 -21.57 -9.36 -8.54
N PRO B 296 -20.50 -8.64 -8.14
CA PRO B 296 -19.71 -7.94 -9.14
C PRO B 296 -18.73 -8.91 -9.82
N ASP B 297 -18.09 -8.47 -10.89
CA ASP B 297 -17.06 -9.26 -11.52
C ASP B 297 -15.75 -9.16 -10.75
N ILE B 298 -15.54 -8.00 -10.13
CA ILE B 298 -14.33 -7.69 -9.36
C ILE B 298 -14.75 -6.98 -8.09
N MET B 299 -14.09 -7.30 -6.98
CA MET B 299 -14.42 -6.71 -5.70
C MET B 299 -13.17 -6.33 -4.90
N CYS B 300 -13.22 -5.18 -4.22
CA CYS B 300 -12.12 -4.72 -3.38
C CYS B 300 -12.55 -4.68 -1.92
N VAL B 301 -11.67 -5.14 -1.04
CA VAL B 301 -11.87 -5.06 0.41
C VAL B 301 -10.60 -4.53 1.09
N GLY B 302 -10.72 -3.95 2.29
CA GLY B 302 -9.53 -3.40 2.95
C GLY B 302 -9.58 -2.94 4.40
N LYS B 303 -10.32 -1.87 4.67
CA LYS B 303 -10.20 -1.16 5.96
C LYS B 303 -10.35 -2.03 7.21
N ALA B 304 -11.34 -2.90 7.22
CA ALA B 304 -11.63 -3.73 8.39
C ALA B 304 -11.08 -5.15 8.26
N LEU B 305 -10.37 -5.42 7.18
CA LEU B 305 -9.89 -6.77 6.86
C LEU B 305 -9.07 -7.42 7.97
N THR B 306 -8.19 -6.65 8.59
CA THR B 306 -7.34 -7.16 9.68
C THR B 306 -7.87 -6.76 11.05
N GLY B 307 -9.13 -6.35 11.10
CA GLY B 307 -9.73 -5.82 12.34
C GLY B 307 -9.01 -4.58 12.85
N GLY B 308 -8.38 -3.84 11.94
CA GLY B 308 -7.76 -2.56 12.25
C GLY B 308 -6.38 -2.67 12.88
N TYR B 309 -5.73 -3.80 12.71
CA TYR B 309 -4.39 -4.01 13.25
C TYR B 309 -3.30 -3.55 12.28
N LEU B 310 -3.47 -3.93 11.01
CA LEU B 310 -2.41 -3.80 10.03
C LEU B 310 -2.98 -3.49 8.67
N SER B 311 -2.18 -2.83 7.84
CA SER B 311 -2.58 -2.56 6.47
CA SER B 311 -2.54 -2.56 6.44
C SER B 311 -2.62 -3.86 5.67
N LEU B 312 -3.74 -4.10 5.03
CA LEU B 312 -3.94 -5.24 4.13
C LEU B 312 -5.18 -4.94 3.32
N ALA B 313 -5.16 -5.38 2.06
CA ALA B 313 -6.32 -5.26 1.18
C ALA B 313 -6.35 -6.47 0.27
N ALA B 314 -7.50 -6.69 -0.37
CA ALA B 314 -7.63 -7.77 -1.34
C ALA B 314 -8.50 -7.35 -2.51
N THR B 315 -8.18 -7.88 -3.68
CA THR B 315 -9.00 -7.69 -4.86
C THR B 315 -9.38 -9.08 -5.32
N LEU B 316 -10.69 -9.32 -5.40
CA LEU B 316 -11.20 -10.61 -5.85
C LEU B 316 -11.79 -10.47 -7.23
N CYS B 317 -11.68 -11.52 -8.03
CA CYS B 317 -12.33 -11.55 -9.33
C CYS B 317 -12.82 -12.94 -9.66
N THR B 318 -13.71 -13.00 -10.65
CA THR B 318 -14.29 -14.25 -11.12
C THR B 318 -13.25 -15.11 -11.83
N ALA B 319 -13.53 -16.40 -11.93
CA ALA B 319 -12.71 -17.31 -12.71
C ALA B 319 -12.61 -16.85 -14.18
N ASP B 320 -13.72 -16.37 -14.74
CA ASP B 320 -13.70 -15.85 -16.12
C ASP B 320 -12.69 -14.73 -16.28
N VAL B 321 -12.71 -13.76 -15.36
CA VAL B 321 -11.78 -12.65 -15.42
C VAL B 321 -10.34 -13.17 -15.29
N ALA B 322 -10.12 -14.05 -14.32
CA ALA B 322 -8.78 -14.61 -14.07
C ALA B 322 -8.24 -15.39 -15.27
N HIS B 323 -9.08 -16.23 -15.86
CA HIS B 323 -8.65 -17.05 -16.99
C HIS B 323 -8.40 -16.24 -18.22
N THR B 324 -9.22 -15.23 -18.45
CA THR B 324 -9.07 -14.35 -19.61
C THR B 324 -7.76 -13.53 -19.53
N ILE B 325 -7.45 -13.02 -18.34
CA ILE B 325 -6.17 -12.34 -18.12
C ILE B 325 -5.01 -13.30 -18.36
N SER B 326 -5.10 -14.50 -17.78
CA SER B 326 -4.02 -15.48 -17.83
C SER B 326 -3.76 -16.00 -19.24
N ALA B 327 -4.79 -15.97 -20.09
CA ALA B 327 -4.65 -16.37 -21.49
C ALA B 327 -4.26 -15.20 -22.39
N GLY B 328 -4.24 -14.00 -21.82
CA GLY B 328 -3.90 -12.76 -22.54
C GLY B 328 -2.43 -12.62 -22.89
N ALA B 329 -2.09 -11.49 -23.50
CA ALA B 329 -0.76 -11.28 -24.08
C ALA B 329 0.40 -11.37 -23.09
N ALA B 330 0.18 -10.88 -21.87
CA ALA B 330 1.21 -10.95 -20.83
C ALA B 330 1.23 -12.33 -20.17
N GLY B 331 0.11 -13.05 -20.29
CA GLY B 331 -0.05 -14.36 -19.67
C GLY B 331 -0.09 -14.31 -18.15
N ALA B 332 -0.29 -13.11 -17.61
CA ALA B 332 -0.24 -12.88 -16.17
C ALA B 332 -0.83 -11.51 -15.86
N LEU B 333 -1.29 -11.34 -14.63
CA LEU B 333 -1.67 -10.01 -14.14
C LEU B 333 -0.38 -9.29 -13.75
N MET B 334 -0.17 -8.13 -14.36
CA MET B 334 1.10 -7.41 -14.24
CA MET B 334 1.11 -7.42 -14.23
C MET B 334 1.19 -6.56 -12.97
N HIS B 335 1.18 -7.23 -11.82
CA HIS B 335 1.17 -6.55 -10.53
C HIS B 335 1.72 -7.49 -9.50
N GLY B 336 2.46 -6.94 -8.53
CA GLY B 336 3.05 -7.77 -7.48
C GLY B 336 3.73 -6.95 -6.41
N PRO B 337 2.99 -6.58 -5.35
CA PRO B 337 3.58 -5.79 -4.27
C PRO B 337 4.58 -6.57 -3.42
N THR B 338 5.60 -5.87 -2.93
CA THR B 338 6.65 -6.46 -2.10
C THR B 338 6.11 -7.32 -0.97
N PHE B 339 5.12 -6.79 -0.24
CA PHE B 339 4.59 -7.47 0.93
C PHE B 339 3.32 -8.26 0.65
N MET B 340 3.09 -8.58 -0.62
CA MET B 340 1.95 -9.38 -1.04
C MET B 340 1.73 -10.58 -0.12
N ALA B 341 0.51 -10.67 0.42
CA ALA B 341 0.07 -11.79 1.26
C ALA B 341 0.90 -11.97 2.54
N ASN B 342 1.39 -10.87 3.09
CA ASN B 342 2.16 -10.87 4.34
C ASN B 342 1.55 -11.82 5.38
N PRO B 343 2.34 -12.82 5.84
CA PRO B 343 1.85 -13.77 6.85
C PRO B 343 1.26 -13.14 8.12
N LEU B 344 1.90 -12.11 8.66
CA LEU B 344 1.39 -11.48 9.89
C LEU B 344 0.01 -10.85 9.67
N ALA B 345 -0.09 -10.02 8.64
CA ALA B 345 -1.37 -9.38 8.31
C ALA B 345 -2.44 -10.41 7.96
N CYS B 346 -2.08 -11.44 7.19
CA CYS B 346 -3.03 -12.48 6.82
C CYS B 346 -3.53 -13.26 8.03
N ALA B 347 -2.62 -13.57 8.96
CA ALA B 347 -2.96 -14.31 10.18
C ALA B 347 -3.96 -13.57 11.05
N VAL B 348 -3.74 -12.27 11.27
CA VAL B 348 -4.67 -11.49 12.09
CA VAL B 348 -4.66 -11.45 12.06
C VAL B 348 -6.00 -11.31 11.34
N SER B 349 -5.95 -11.22 10.01
CA SER B 349 -7.17 -11.14 9.20
CA SER B 349 -7.17 -11.12 9.22
C SER B 349 -8.03 -12.38 9.35
N VAL B 350 -7.39 -13.55 9.27
CA VAL B 350 -8.09 -14.83 9.44
C VAL B 350 -8.80 -14.83 10.79
N ALA B 351 -8.09 -14.44 11.84
CA ALA B 351 -8.66 -14.35 13.18
C ALA B 351 -9.84 -13.37 13.25
N SER B 352 -9.68 -12.22 12.62
CA SER B 352 -10.73 -11.19 12.61
C SER B 352 -11.99 -11.65 11.88
N VAL B 353 -11.80 -12.28 10.73
CA VAL B 353 -12.92 -12.78 9.95
C VAL B 353 -13.64 -13.92 10.69
N GLU B 354 -12.86 -14.85 11.26
CA GLU B 354 -13.44 -15.96 12.03
C GLU B 354 -14.17 -15.48 13.27
N LEU B 355 -13.64 -14.44 13.91
CA LEU B 355 -14.28 -13.84 15.07
C LEU B 355 -15.64 -13.23 14.73
N LEU B 356 -15.70 -12.57 13.56
CA LEU B 356 -16.96 -12.01 13.08
C LEU B 356 -17.97 -13.10 12.76
N LEU B 357 -17.52 -14.14 12.05
CA LEU B 357 -18.42 -15.21 11.59
C LEU B 357 -18.86 -16.13 12.71
N GLY B 358 -18.07 -16.21 13.78
CA GLY B 358 -18.33 -17.14 14.88
C GLY B 358 -19.31 -16.60 15.92
N GLN B 359 -19.80 -15.38 15.69
CA GLN B 359 -20.80 -14.77 16.56
C GLN B 359 -22.04 -14.42 15.74
N ASP B 360 -23.10 -14.01 16.41
CA ASP B 360 -24.29 -13.52 15.72
C ASP B 360 -24.08 -12.05 15.34
N TRP B 361 -23.28 -11.83 14.31
CA TRP B 361 -22.92 -10.48 13.88
C TRP B 361 -24.10 -9.71 13.36
N ARG B 362 -25.04 -10.40 12.72
CA ARG B 362 -26.21 -9.74 12.14
C ARG B 362 -27.07 -9.09 13.22
N THR B 363 -27.32 -9.82 14.30
CA THR B 363 -28.04 -9.29 15.46
C THR B 363 -27.27 -8.14 16.11
N ARG B 364 -25.95 -8.30 16.22
CA ARG B 364 -25.09 -7.26 16.79
C ARG B 364 -25.22 -5.93 16.04
N ILE B 365 -25.14 -5.99 14.71
CA ILE B 365 -25.22 -4.78 13.88
C ILE B 365 -26.64 -4.17 13.92
N THR B 366 -27.65 -5.04 13.94
CA THR B 366 -29.04 -4.60 14.05
C THR B 366 -29.25 -3.83 15.36
N GLU B 367 -28.72 -4.37 16.46
CA GLU B 367 -28.78 -3.70 17.76
C GLU B 367 -28.05 -2.35 17.75
N LEU B 368 -26.88 -2.31 17.10
CA LEU B 368 -26.12 -1.06 16.96
C LEU B 368 -26.87 -0.02 16.14
N ALA B 369 -27.49 -0.46 15.03
CA ALA B 369 -28.29 0.40 14.19
C ALA B 369 -29.47 0.99 14.96
N ALA B 370 -30.12 0.15 15.75
CA ALA B 370 -31.24 0.56 16.60
C ALA B 370 -30.78 1.58 17.64
N GLY B 371 -29.63 1.33 18.26
CA GLY B 371 -29.05 2.25 19.23
C GLY B 371 -28.70 3.60 18.62
N LEU B 372 -28.13 3.57 17.42
CA LEU B 372 -27.79 4.79 16.70
C LEU B 372 -29.04 5.60 16.34
N THR B 373 -30.05 4.90 15.82
CA THR B 373 -31.32 5.53 15.45
C THR B 373 -31.97 6.19 16.67
N ALA B 374 -32.05 5.45 17.77
CA ALA B 374 -32.67 5.94 19.00
C ALA B 374 -31.94 7.15 19.57
N GLY B 375 -30.61 7.08 19.58
CA GLY B 375 -29.79 8.16 20.12
C GLY B 375 -29.75 9.41 19.27
N LEU B 376 -29.87 9.25 17.96
CA LEU B 376 -29.77 10.39 17.04
C LEU B 376 -31.12 11.00 16.66
N ASP B 377 -32.21 10.34 17.03
CA ASP B 377 -33.56 10.78 16.66
C ASP B 377 -33.88 12.21 17.13
N THR B 378 -33.37 12.57 18.31
CA THR B 378 -33.59 13.92 18.86
C THR B 378 -32.97 15.04 18.01
N ALA B 379 -31.93 14.70 17.23
CA ALA B 379 -31.25 15.67 16.38
C ALA B 379 -32.10 16.17 15.21
N ARG B 380 -33.09 15.37 14.80
CA ARG B 380 -33.96 15.72 13.68
C ARG B 380 -34.64 17.08 13.87
N ALA B 381 -35.03 17.36 15.11
CA ALA B 381 -35.73 18.59 15.46
C ALA B 381 -34.83 19.82 15.57
N LEU B 382 -33.52 19.61 15.67
CA LEU B 382 -32.55 20.70 15.81
C LEU B 382 -32.54 21.64 14.61
N PRO B 383 -32.36 22.96 14.85
CA PRO B 383 -32.48 23.99 13.80
C PRO B 383 -31.51 23.82 12.62
N ALA B 384 -30.29 23.37 12.89
CA ALA B 384 -29.24 23.30 11.87
C ALA B 384 -29.20 21.96 11.14
N VAL B 385 -30.02 21.01 11.58
CA VAL B 385 -29.98 19.65 11.06
C VAL B 385 -30.94 19.46 9.88
N THR B 386 -30.40 18.99 8.76
CA THR B 386 -31.18 18.75 7.54
C THR B 386 -31.57 17.28 7.38
N ASP B 387 -30.71 16.39 7.86
CA ASP B 387 -30.97 14.95 7.76
C ASP B 387 -30.31 14.17 8.89
N VAL B 388 -30.97 13.10 9.30
CA VAL B 388 -30.38 12.10 10.19
C VAL B 388 -30.60 10.74 9.53
N ARG B 389 -29.51 10.01 9.31
CA ARG B 389 -29.59 8.72 8.62
C ARG B 389 -28.70 7.67 9.23
N VAL B 390 -29.19 6.44 9.25
CA VAL B 390 -28.50 5.30 9.83
C VAL B 390 -28.56 4.12 8.87
N CYS B 391 -27.43 3.44 8.69
CA CYS B 391 -27.36 2.23 7.88
C CYS B 391 -26.39 1.26 8.54
N GLY B 392 -26.90 0.21 9.14
CA GLY B 392 -26.08 -0.69 9.94
C GLY B 392 -25.38 0.09 11.04
N ALA B 393 -24.10 -0.21 11.26
CA ALA B 393 -23.33 0.48 12.29
C ALA B 393 -22.71 1.79 11.76
N ILE B 394 -23.54 2.60 11.12
CA ILE B 394 -23.17 3.92 10.61
C ILE B 394 -24.29 4.89 10.95
N GLY B 395 -23.93 6.01 11.59
CA GLY B 395 -24.89 7.05 11.95
C GLY B 395 -24.40 8.43 11.51
N VAL B 396 -25.28 9.16 10.83
CA VAL B 396 -24.91 10.45 10.25
C VAL B 396 -25.93 11.53 10.62
N ILE B 397 -25.43 12.67 11.10
CA ILE B 397 -26.21 13.89 11.20
C ILE B 397 -25.68 14.86 10.14
N GLU B 398 -26.53 15.22 9.19
CA GLU B 398 -26.15 16.21 8.19
C GLU B 398 -26.69 17.58 8.58
N CYS B 399 -25.81 18.57 8.55
CA CYS B 399 -26.17 19.94 8.93
C CYS B 399 -26.34 20.84 7.71
N ASP B 400 -26.87 22.04 7.93
CA ASP B 400 -27.12 23.00 6.85
C ASP B 400 -25.94 23.96 6.64
N ARG B 401 -24.86 23.73 7.37
CA ARG B 401 -23.66 24.56 7.30
C ARG B 401 -22.43 23.75 7.72
N PRO B 402 -21.23 24.19 7.32
CA PRO B 402 -20.00 23.49 7.72
C PRO B 402 -19.83 23.42 9.25
N VAL B 403 -19.35 22.28 9.73
CA VAL B 403 -19.10 22.06 11.15
C VAL B 403 -17.71 22.58 11.51
N ASP B 404 -17.65 23.51 12.46
CA ASP B 404 -16.39 24.09 12.92
C ASP B 404 -15.57 23.08 13.72
N LEU B 405 -14.50 22.59 13.11
CA LEU B 405 -13.65 21.55 13.71
C LEU B 405 -12.92 21.99 14.97
N ALA B 406 -12.58 23.28 15.05
CA ALA B 406 -11.92 23.85 16.22
C ALA B 406 -12.84 23.89 17.43
N VAL B 407 -14.15 23.86 17.18
CA VAL B 407 -15.17 23.86 18.23
C VAL B 407 -15.71 22.44 18.47
N ALA B 408 -15.98 21.71 17.40
CA ALA B 408 -16.61 20.38 17.49
C ALA B 408 -15.74 19.33 18.17
N THR B 409 -14.45 19.31 17.85
CA THR B 409 -13.53 18.30 18.38
C THR B 409 -13.39 18.36 19.91
N PRO B 410 -13.10 19.55 20.48
CA PRO B 410 -13.09 19.63 21.94
C PRO B 410 -14.46 19.41 22.58
N ALA B 411 -15.53 19.80 21.88
CA ALA B 411 -16.90 19.60 22.37
C ALA B 411 -17.23 18.12 22.59
N ALA B 412 -16.79 17.27 21.66
CA ALA B 412 -16.99 15.83 21.77
C ALA B 412 -16.04 15.22 22.80
N LEU B 413 -14.80 15.69 22.81
CA LEU B 413 -13.80 15.21 23.77
C LEU B 413 -14.23 15.50 25.21
N ASP B 414 -14.80 16.70 25.41
CA ASP B 414 -15.35 17.08 26.72
C ASP B 414 -16.46 16.13 27.18
N ARG B 415 -17.04 15.41 26.22
CA ARG B 415 -18.11 14.45 26.51
C ARG B 415 -17.63 13.00 26.38
N GLY B 416 -16.32 12.81 26.29
CA GLY B 416 -15.70 11.48 26.32
C GLY B 416 -15.76 10.70 25.02
N VAL B 417 -15.80 11.42 23.90
CA VAL B 417 -15.95 10.81 22.58
C VAL B 417 -14.98 11.43 21.58
N TRP B 418 -14.30 10.58 20.82
CA TRP B 418 -13.50 11.02 19.69
C TRP B 418 -14.34 11.00 18.43
N LEU B 419 -14.62 12.19 17.91
CA LEU B 419 -15.37 12.37 16.67
C LEU B 419 -14.55 13.19 15.69
N ARG B 420 -14.71 12.90 14.40
CA ARG B 420 -14.03 13.66 13.35
C ARG B 420 -15.05 14.10 12.31
N PRO B 421 -15.68 15.27 12.51
CA PRO B 421 -16.58 15.78 11.48
C PRO B 421 -15.83 16.24 10.24
N PHE B 422 -16.52 16.30 9.10
CA PHE B 422 -16.00 16.98 7.93
C PHE B 422 -17.15 17.57 7.11
N ARG B 423 -16.87 18.68 6.44
CA ARG B 423 -17.89 19.50 5.81
C ARG B 423 -19.06 19.76 6.78
N ASN B 424 -20.27 19.40 6.36
CA ASN B 424 -21.47 19.61 7.15
C ASN B 424 -21.96 18.34 7.85
N LEU B 425 -21.04 17.39 8.07
CA LEU B 425 -21.41 16.07 8.55
C LEU B 425 -20.82 15.72 9.90
N VAL B 426 -21.69 15.31 10.83
CA VAL B 426 -21.28 14.77 12.12
C VAL B 426 -21.69 13.30 12.13
N TYR B 427 -20.70 12.41 12.12
CA TYR B 427 -20.97 10.99 11.91
C TYR B 427 -20.12 10.03 12.73
N ALA B 428 -20.60 8.80 12.85
CA ALA B 428 -19.88 7.75 13.56
C ALA B 428 -20.03 6.40 12.87
N MET B 429 -18.99 5.58 12.98
CA MET B 429 -19.04 4.19 12.58
C MET B 429 -18.35 3.42 13.71
N PRO B 430 -19.08 3.16 14.80
CA PRO B 430 -18.46 2.68 16.03
C PRO B 430 -18.08 1.20 15.98
N PRO B 431 -17.15 0.77 16.86
CA PRO B 431 -16.80 -0.64 16.93
C PRO B 431 -18.03 -1.50 17.21
N TYR B 432 -18.02 -2.73 16.68
CA TYR B 432 -19.16 -3.63 16.86
C TYR B 432 -19.34 -4.05 18.31
N ILE B 433 -18.27 -3.93 19.10
CA ILE B 433 -18.27 -4.32 20.51
C ILE B 433 -18.86 -3.28 21.45
N CYS B 434 -19.26 -2.12 20.92
CA CYS B 434 -19.85 -1.04 21.72
C CYS B 434 -21.13 -1.49 22.42
N THR B 435 -21.20 -1.22 23.72
CA THR B 435 -22.38 -1.52 24.52
C THR B 435 -23.46 -0.45 24.27
N PRO B 436 -24.72 -0.75 24.67
CA PRO B 436 -25.76 0.28 24.60
C PRO B 436 -25.38 1.59 25.30
N ALA B 437 -24.76 1.49 26.48
CA ALA B 437 -24.31 2.68 27.20
C ALA B 437 -23.29 3.49 26.40
N GLU B 438 -22.38 2.79 25.72
CA GLU B 438 -21.36 3.44 24.90
C GLU B 438 -21.95 4.11 23.66
N ILE B 439 -22.92 3.45 23.04
CA ILE B 439 -23.66 4.03 21.91
C ILE B 439 -24.45 5.27 22.35
N THR B 440 -25.08 5.18 23.52
CA THR B 440 -25.75 6.33 24.14
C THR B 440 -24.79 7.50 24.30
N GLN B 441 -23.59 7.21 24.81
CA GLN B 441 -22.55 8.24 25.00
C GLN B 441 -22.12 8.86 23.67
N ILE B 442 -21.90 8.01 22.66
CA ILE B 442 -21.48 8.48 21.33
C ILE B 442 -22.55 9.35 20.68
N THR B 443 -23.79 8.87 20.66
CA THR B 443 -24.91 9.61 20.06
C THR B 443 -25.19 10.93 20.77
N SER B 444 -25.10 10.93 22.11
CA SER B 444 -25.30 12.15 22.89
CA SER B 444 -25.31 12.16 22.89
C SER B 444 -24.29 13.23 22.51
N ALA B 445 -23.03 12.83 22.34
CA ALA B 445 -21.97 13.75 21.93
C ALA B 445 -22.23 14.30 20.53
N MET B 446 -22.70 13.42 19.63
CA MET B 446 -23.05 13.81 18.27
C MET B 446 -24.18 14.83 18.25
N VAL B 447 -25.25 14.54 18.99
CA VAL B 447 -26.40 15.46 19.10
C VAL B 447 -25.96 16.81 19.65
N GLU B 448 -25.10 16.79 20.67
CA GLU B 448 -24.55 18.01 21.26
C GLU B 448 -23.68 18.83 20.32
N VAL B 449 -22.90 18.14 19.48
CA VAL B 449 -22.10 18.81 18.45
C VAL B 449 -23.03 19.51 17.46
N ALA B 450 -24.10 18.82 17.07
CA ALA B 450 -25.11 19.35 16.15
C ALA B 450 -25.89 20.52 16.76
N ARG B 451 -26.09 20.47 18.08
CA ARG B 451 -26.76 21.56 18.81
C ARG B 451 -25.90 22.83 18.79
N LEU B 452 -24.60 22.66 18.98
CA LEU B 452 -23.64 23.76 18.95
C LEU B 452 -23.46 24.38 17.56
N VAL B 453 -23.73 23.60 16.52
CA VAL B 453 -23.66 24.07 15.14
C VAL B 453 -24.74 25.13 14.88
N GLY B 454 -25.92 24.90 15.42
CA GLY B 454 -27.07 25.80 15.25
C GLY B 454 -26.93 27.15 15.94
N SER B 455 -26.07 27.22 16.94
CA SER B 455 -25.89 28.45 17.73
C SER B 455 -24.89 29.44 17.09
N LEU B 456 -24.47 29.14 15.85
CA LEU B 456 -23.50 29.95 15.09
C LEU B 456 -22.10 29.94 15.71
N1 PLP C . 10.46 1.41 -6.18
C2 PLP C . 11.54 0.61 -6.11
C2A PLP C . 12.91 1.11 -6.48
C3 PLP C . 11.37 -0.78 -5.64
O3 PLP C . 12.46 -1.61 -5.55
C4 PLP C . 10.00 -1.22 -5.28
C4A PLP C . 9.69 -2.59 -4.80
C5 PLP C . 8.89 -0.25 -5.42
C6 PLP C . 9.20 1.03 -5.88
C5A PLP C . 7.46 -0.63 -5.09
O4P PLP C . 7.30 -1.13 -3.77
P PLP C . 6.00 -2.02 -3.40
O1P PLP C . 4.79 -1.26 -3.92
O2P PLP C . 6.06 -2.06 -1.89
O3P PLP C . 6.23 -3.32 -4.11
C7 41O D . 10.19 -5.00 -14.05
C3 41O D . 8.42 -3.36 -14.38
C4 41O D . 7.48 -4.32 -14.02
C5 41O D . 7.89 -5.61 -13.68
C30 41O D . 7.78 -8.86 -7.50
C29 41O D . 7.66 -9.38 -6.27
C31 41O D . 7.07 -8.84 -5.13
C32 41O D . 7.28 -9.89 -4.04
C33 41O D . 7.90 -10.92 -4.72
O34 41O D . 8.21 -11.99 -4.18
C28 41O D . 8.14 -10.62 -6.01
C27 41O D . 8.75 -11.32 -6.98
C26 41O D . 8.89 -10.82 -8.27
C25 41O D . 8.41 -9.54 -8.54
N22 41O D . 8.52 -8.98 -9.79
C23 41O D . 8.23 -7.53 -9.98
C24 41O D . 9.20 -6.84 -10.94
C21 41O D . 8.88 -9.82 -10.98
C20 41O D . 9.97 -9.12 -11.79
N19 41O D . 9.57 -7.71 -12.08
C10 41O D . 9.62 -7.26 -13.35
O11 41O D . 9.96 -7.99 -14.28
C6 41O D . 9.24 -5.95 -13.69
C8 41O D . 9.78 -3.71 -14.39
CL9 41O D . 10.94 -2.50 -14.84
C1 EDO E . 29.54 -12.53 11.01
O1 EDO E . 29.27 -13.93 11.20
C2 EDO E . 28.31 -11.74 11.41
O2 EDO E . 27.21 -12.11 10.56
N1 PLP F . -12.02 2.84 -1.45
C2 PLP F . -12.91 3.13 -0.47
C2A PLP F . -14.38 2.93 -0.71
C3 PLP F . -12.43 3.66 0.82
O3 PLP F . -13.33 3.95 1.80
C4 PLP F . -10.96 3.81 0.96
C4A PLP F . -10.31 4.33 2.20
C5 PLP F . -10.09 3.46 -0.17
C6 PLP F . -10.69 2.99 -1.33
C5A PLP F . -8.59 3.63 -0.09
O4P PLP F . -8.00 2.85 0.96
P PLP F . -6.54 3.23 1.55
O1P PLP F . -6.73 4.53 2.28
O2P PLP F . -6.21 2.04 2.42
O3P PLP F . -5.63 3.38 0.37
C7 41O G . -12.95 12.97 -0.44
C3 41O G . -11.55 12.51 -2.36
C4 41O G . -10.42 12.90 -1.63
C5 41O G . -10.56 13.32 -0.32
C30 41O G . -8.37 10.22 5.44
C29 41O G . -7.86 9.54 6.48
C31 41O G . -7.09 8.36 6.48
C32 41O G . -6.85 8.05 7.95
C33 41O G . -7.49 9.10 8.61
O34 41O G . -7.47 9.23 9.83
C28 41O G . -8.09 9.95 7.75
C27 41O G . -8.81 11.05 7.98
C26 41O G . -9.35 11.80 6.94
C25 41O G . -9.14 11.38 5.62
N22 41O G . -9.64 12.08 4.58
C23 41O G . -10.23 13.44 4.77
C24 41O G . -11.59 13.57 4.04
C21 41O G . -9.58 11.51 3.20
C20 41O G . -10.90 11.68 2.46
N19 41O G . -11.48 13.05 2.65
C10 41O G . -11.93 13.79 1.62
O11 41O G . -12.43 14.90 1.80
C6 41O G . -11.82 13.34 0.30
C8 41O G . -12.80 12.56 -1.75
CL9 41O G . -14.18 12.08 -2.67
S SO4 H . -18.80 -8.50 -18.74
O1 SO4 H . -19.29 -8.72 -20.13
O2 SO4 H . -17.85 -7.38 -18.75
O3 SO4 H . -18.14 -9.73 -18.27
O4 SO4 H . -19.95 -8.17 -17.86
CL CL I . 5.97 -21.41 22.55
#